data_4P37
#
_entry.id   4P37
#
_cell.length_a   86.689
_cell.length_b   96.132
_cell.length_c   153.888
_cell.angle_alpha   90.00
_cell.angle_beta   90.00
_cell.angle_gamma   90.00
#
_symmetry.space_group_name_H-M   'P 21 21 21'
#
loop_
_entity.id
_entity.type
_entity.pdbx_description
1 polymer 'Putative poly(A) polymerase catalytic subunit'
2 polymer 'Putative poly(A) polymerase catalytic subunit'
3 non-polymer DI(HYDROXYETHYL)ETHER
4 non-polymer 2-AMINO-2-HYDROXYMETHYL-PROPANE-1,3-DIOL
5 non-polymer 1,2-ETHANEDIOL
6 water water
#
loop_
_entity_poly.entity_id
_entity_poly.type
_entity_poly.pdbx_seq_one_letter_code
_entity_poly.pdbx_strand_id
1 'polypeptide(L)'
;GPGSSENRNRKLSYQEYYVDGDYEEVRKKLPEIIKQARIKASQV(MSE)EPTIYEKRVV(MSE)EIIKDFIRDKGRKVYG
GTALNETIKKKNPEDAIYDSYLFSDIEFYSPTPVPDLKELCDILYHKGYDPVQGKEAQHEETYSIFVNLQLYCDITYVPT
KVYHGIKTIEIDGINYTHPHF(MSE)LIDYLR(MSE)INQPLTAAEQRWEKAFDR(MSE)YVLLKNYP(MSE)EKYDNS
(MSE)RITSPRDDIQ(MSE)YIGKVKSEF(MSE)KIPEIQESCLISGFDAYNFFIRHA(MSE)GDRKVEQ(MSE)ARIKN
DYNSLKNFITVLPF(MSE)ELISVKYKDTVEKLYNFLREKVVNPDLITIDEYFPLFQFTGYSVSINYDGIPIVKVYEADG
YCVPDIKTTSGYRYVSYQYIL(MSE)I(MSE)YISKFKAHLDKNKE(MSE)YFNYGIAISNLVQARNSYLNQKNIGVIND
TVFSEFRIGCIGTTVSYTR(MSE)SRLR(MSE)LEKKKQGKVIQFVYTPKQYFSQTPEQQNNFDES(MSE)KKYRFKNTS
GNKITIPKNLLFKIDERGNISEEISTEEAYITEDTTSINTTTDINTN
;
A
2 'polypeptide(L)'
;GPGSSENRNRKLSYQEYYVDGDYEEVRKKLPEIIKQARIKASQV(MSE)EPTIYEKRVV(MSE)EIIKDFIRDKGRKVYG
GTALNETIKK(ALY)NPEDAIYDSYLFSDIEFYSPTPVPDLKELCDILYHKGYDPVQGKEAQHEETYSIFVNLQLYCDIT
YVPTKVYHGIKTIEIDGINYTHPHF(MSE)LIDYLR(MSE)INQPLTAAEQRWEKAFDR(MSE)YVLLKNYP(MSE)EKY
DNS(MSE)RITSPRDDIQ(MSE)YIGKVKSEF(MSE)KIPEIQESCLISGFDAYNFFIRHA(MSE)GDRKVEQ(MSE)AR
IKNDYNSLKNFITVLPF(MSE)ELISVKYKDTVEKLYNFLREKVVNPDLITIDEYFPLFQFTGYSVSINYDGIPIVKVYE
ADGYCVPDIKTTSGYRYVSYQYIL(MSE)I(MSE)YISKFKAHLDKNKE(MSE)YFNYGIAISNLVQARNSYLNQKNIGV
INDTVFSEFRIGCIGTTVSYTR(MSE)SRLR(MSE)LEKKKQGKVIQFVYTPKQYFSQTPEQQNNFDES(MSE)KKYRFK
NTSGNKITIPKNLLFKIDERGNISEEISTEEAYITEDTTSINTTTDINTN
;
B
#
# COMPACT_ATOMS: atom_id res chain seq x y z
N ASN A 7 -17.65 -32.45 -16.13
CA ASN A 7 -16.75 -33.44 -15.53
C ASN A 7 -15.89 -34.14 -16.58
N ARG A 8 -14.70 -34.63 -16.13
CA ARG A 8 -13.64 -35.33 -16.89
C ARG A 8 -12.69 -34.33 -17.60
N ASN A 9 -11.45 -34.24 -17.09
CA ASN A 9 -10.39 -33.37 -17.64
C ASN A 9 -9.99 -33.91 -19.00
N ARG A 10 -9.85 -33.03 -19.99
CA ARG A 10 -9.48 -33.43 -21.35
C ARG A 10 -7.99 -33.77 -21.47
N LYS A 11 -7.65 -34.70 -22.38
CA LYS A 11 -6.28 -35.12 -22.66
C LYS A 11 -5.82 -34.26 -23.82
N LEU A 12 -4.94 -33.27 -23.50
CA LEU A 12 -4.47 -32.28 -24.47
C LEU A 12 -2.96 -32.20 -24.59
N SER A 13 -2.50 -31.41 -25.55
CA SER A 13 -1.08 -31.18 -25.78
C SER A 13 -0.72 -29.78 -25.25
N TYR A 14 0.51 -29.64 -24.73
CA TYR A 14 0.97 -28.38 -24.13
C TYR A 14 2.35 -28.03 -24.57
N GLN A 15 2.74 -26.76 -24.43
CA GLN A 15 4.10 -26.31 -24.75
C GLN A 15 4.74 -25.57 -23.58
N GLU A 16 6.04 -25.35 -23.67
CA GLU A 16 6.76 -24.64 -22.64
C GLU A 16 6.53 -23.16 -22.82
N TYR A 17 6.59 -22.43 -21.72
CA TYR A 17 6.56 -20.97 -21.80
C TYR A 17 7.78 -20.42 -21.05
N TYR A 18 7.94 -20.82 -19.77
CA TYR A 18 9.13 -20.49 -18.99
C TYR A 18 9.87 -21.77 -18.65
N VAL A 19 11.18 -21.83 -18.95
CA VAL A 19 12.03 -22.98 -18.68
C VAL A 19 12.95 -22.61 -17.50
N ASP A 20 13.77 -23.57 -17.01
CA ASP A 20 14.76 -23.31 -15.97
C ASP A 20 15.90 -22.57 -16.69
N GLY A 21 16.37 -21.43 -16.18
CA GLY A 21 15.91 -20.69 -15.02
C GLY A 21 15.53 -19.29 -15.50
N ASP A 22 14.38 -19.20 -16.21
CA ASP A 22 13.84 -17.94 -16.78
C ASP A 22 13.40 -17.08 -15.63
N TYR A 23 12.88 -17.71 -14.57
CA TYR A 23 12.45 -17.03 -13.36
C TYR A 23 13.55 -16.12 -12.81
N GLU A 24 14.76 -16.71 -12.60
CA GLU A 24 15.93 -16.05 -12.04
C GLU A 24 16.40 -14.87 -12.89
N GLU A 25 16.41 -15.05 -14.22
CA GLU A 25 16.77 -14.05 -15.21
C GLU A 25 15.86 -12.80 -15.11
N VAL A 26 14.54 -13.02 -15.00
CA VAL A 26 13.52 -11.97 -14.91
C VAL A 26 13.70 -11.21 -13.60
N ARG A 27 13.77 -11.95 -12.48
CA ARG A 27 13.93 -11.46 -11.13
C ARG A 27 15.12 -10.51 -10.97
N LYS A 28 16.24 -10.88 -11.58
CA LYS A 28 17.47 -10.09 -11.57
C LYS A 28 17.33 -8.83 -12.44
N LYS A 29 16.73 -8.95 -13.64
CA LYS A 29 16.59 -7.83 -14.59
C LYS A 29 15.48 -6.84 -14.27
N LEU A 30 14.37 -7.29 -13.62
CA LEU A 30 13.21 -6.45 -13.33
C LEU A 30 13.50 -5.16 -12.54
N PRO A 31 14.26 -5.15 -11.42
CA PRO A 31 14.49 -3.89 -10.69
C PRO A 31 15.00 -2.72 -11.54
N GLU A 32 15.92 -3.01 -12.49
CA GLU A 32 16.46 -1.96 -13.36
C GLU A 32 15.45 -1.53 -14.44
N ILE A 33 14.67 -2.48 -15.01
CA ILE A 33 13.63 -2.19 -16.02
C ILE A 33 12.57 -1.25 -15.40
N ILE A 34 12.13 -1.59 -14.16
CA ILE A 34 11.15 -0.82 -13.37
C ILE A 34 11.67 0.61 -13.12
N LYS A 35 12.97 0.77 -12.76
CA LYS A 35 13.62 2.06 -12.53
C LYS A 35 13.57 2.92 -13.78
N GLN A 36 13.85 2.30 -14.95
CA GLN A 36 13.83 2.98 -16.25
C GLN A 36 12.42 3.40 -16.67
N ALA A 37 11.42 2.56 -16.35
CA ALA A 37 10.01 2.87 -16.62
C ALA A 37 9.57 4.05 -15.77
N ARG A 38 10.03 4.09 -14.50
CA ARG A 38 9.76 5.20 -13.56
C ARG A 38 10.43 6.50 -14.03
N ILE A 39 11.72 6.44 -14.46
CA ILE A 39 12.48 7.57 -15.01
C ILE A 39 11.77 8.14 -16.25
N LYS A 40 11.39 7.27 -17.22
CA LYS A 40 10.68 7.68 -18.44
C LYS A 40 9.33 8.35 -18.10
N ALA A 41 8.55 7.70 -17.22
CA ALA A 41 7.25 8.21 -16.77
C ALA A 41 7.38 9.63 -16.20
N SER A 42 8.42 9.91 -15.41
CA SER A 42 8.64 11.23 -14.83
C SER A 42 8.90 12.32 -15.89
N GLN A 43 9.40 11.93 -17.07
CA GLN A 43 9.71 12.86 -18.15
C GLN A 43 8.55 13.18 -19.10
N VAL A 44 7.55 12.28 -19.19
CA VAL A 44 6.44 12.43 -20.13
C VAL A 44 5.07 12.53 -19.46
N GLU A 46 2.43 14.08 -16.46
CA GLU A 46 2.13 15.26 -15.66
C GLU A 46 1.80 14.82 -14.20
N PRO A 47 2.40 15.42 -13.14
CA PRO A 47 3.44 16.47 -13.16
C PRO A 47 4.83 15.88 -13.48
N THR A 48 5.59 16.55 -14.36
CA THR A 48 6.93 16.03 -14.72
C THR A 48 7.93 16.26 -13.60
N ILE A 49 9.07 15.53 -13.64
CA ILE A 49 10.18 15.66 -12.68
C ILE A 49 10.68 17.11 -12.62
N TYR A 50 10.59 17.83 -13.76
CA TYR A 50 10.99 19.22 -13.89
C TYR A 50 10.06 20.11 -13.09
N GLU A 51 8.74 19.84 -13.14
CA GLU A 51 7.71 20.58 -12.38
C GLU A 51 7.86 20.26 -10.90
N LYS A 52 8.05 18.97 -10.57
CA LYS A 52 8.22 18.48 -9.21
C LYS A 52 9.41 19.12 -8.48
N ARG A 53 10.57 19.25 -9.18
CA ARG A 53 11.80 19.85 -8.65
C ARG A 53 11.61 21.30 -8.24
N VAL A 54 10.87 22.08 -9.05
CA VAL A 54 10.56 23.50 -8.82
C VAL A 54 9.71 23.68 -7.55
N VAL A 55 8.61 22.88 -7.40
CA VAL A 55 7.74 22.93 -6.23
C VAL A 55 8.54 22.51 -4.96
N GLU A 57 11.77 22.80 -4.42
CA GLU A 57 12.73 23.83 -4.04
C GLU A 57 12.10 24.92 -3.20
N ILE A 58 10.83 25.27 -3.48
CA ILE A 58 10.05 26.25 -2.73
C ILE A 58 9.88 25.73 -1.27
N ILE A 59 9.50 24.44 -1.12
CA ILE A 59 9.28 23.76 0.17
C ILE A 59 10.60 23.74 0.97
N LYS A 60 11.69 23.40 0.30
CA LYS A 60 13.03 23.38 0.87
C LYS A 60 13.49 24.75 1.34
N ASP A 61 13.11 25.83 0.61
CA ASP A 61 13.41 27.22 0.97
C ASP A 61 12.70 27.57 2.26
N PHE A 62 11.42 27.14 2.42
CA PHE A 62 10.62 27.32 3.63
C PHE A 62 11.27 26.59 4.80
N ILE A 63 11.63 25.30 4.61
CA ILE A 63 12.28 24.48 5.65
C ILE A 63 13.57 25.13 6.12
N ARG A 64 14.41 25.57 5.18
CA ARG A 64 15.69 26.23 5.45
C ARG A 64 15.51 27.55 6.22
N ASP A 65 14.54 28.41 5.80
CA ASP A 65 14.24 29.70 6.45
CA ASP A 65 14.28 29.69 6.47
C ASP A 65 13.68 29.53 7.88
N LYS A 66 12.84 28.51 8.09
CA LYS A 66 12.21 28.29 9.39
C LYS A 66 13.04 27.42 10.35
N GLY A 67 14.07 26.77 9.83
CA GLY A 67 14.92 25.87 10.60
C GLY A 67 14.23 24.58 11.01
N ARG A 68 13.18 24.18 10.23
CA ARG A 68 12.40 22.98 10.47
C ARG A 68 13.23 21.73 10.37
N LYS A 69 12.93 20.73 11.18
CA LYS A 69 13.71 19.50 11.27
C LYS A 69 13.14 18.35 10.42
N VAL A 70 13.86 18.00 9.35
CA VAL A 70 13.49 16.94 8.40
C VAL A 70 13.69 15.55 9.03
N TYR A 71 12.74 14.61 8.80
CA TYR A 71 12.86 13.25 9.33
C TYR A 71 12.56 12.23 8.20
N GLY A 72 12.52 10.94 8.55
CA GLY A 72 12.19 9.89 7.60
C GLY A 72 13.24 9.62 6.56
N GLY A 73 12.80 9.09 5.44
CA GLY A 73 13.63 8.70 4.29
C GLY A 73 14.60 9.75 3.80
N THR A 74 14.11 10.99 3.59
CA THR A 74 14.94 12.08 3.13
C THR A 74 16.09 12.34 4.08
N ALA A 75 15.79 12.45 5.40
CA ALA A 75 16.82 12.69 6.41
C ALA A 75 17.81 11.56 6.49
N LEU A 76 17.34 10.29 6.47
CA LEU A 76 18.22 9.12 6.48
C LEU A 76 19.10 9.06 5.24
N ASN A 77 18.50 9.29 4.06
CA ASN A 77 19.23 9.32 2.79
C ASN A 77 20.34 10.41 2.78
N GLU A 78 20.03 11.64 3.25
CA GLU A 78 21.00 12.75 3.31
C GLU A 78 22.11 12.57 4.34
N THR A 79 21.78 12.11 5.57
CA THR A 79 22.79 11.86 6.61
C THR A 79 23.72 10.70 6.19
N ILE A 80 23.18 9.69 5.51
CA ILE A 80 23.97 8.56 5.05
C ILE A 80 24.92 9.01 3.95
N LYS A 81 24.39 9.73 2.93
CA LYS A 81 25.17 10.22 1.78
C LYS A 81 26.37 11.04 2.23
N LYS A 82 26.19 11.87 3.27
CA LYS A 82 27.24 12.70 3.88
C LYS A 82 28.40 11.80 4.33
N LYS A 83 28.07 10.66 4.93
CA LYS A 83 29.04 9.69 5.42
C LYS A 83 29.63 8.87 4.26
N ASN A 84 28.77 8.27 3.39
CA ASN A 84 29.21 7.44 2.27
C ASN A 84 28.16 7.43 1.14
N PRO A 85 28.45 8.11 0.00
CA PRO A 85 27.46 8.22 -1.10
C PRO A 85 27.04 6.92 -1.79
N GLU A 86 27.83 5.85 -1.65
CA GLU A 86 27.52 4.56 -2.25
C GLU A 86 26.42 3.81 -1.49
N ASP A 87 26.11 4.26 -0.24
CA ASP A 87 25.13 3.64 0.65
C ASP A 87 23.72 4.25 0.56
N ALA A 88 23.49 5.21 -0.36
CA ALA A 88 22.20 5.86 -0.61
C ALA A 88 21.02 4.86 -0.71
N ILE A 89 19.92 5.14 0.05
CA ILE A 89 18.71 4.29 0.11
C ILE A 89 17.84 4.47 -1.14
N TYR A 90 18.04 5.56 -1.90
CA TYR A 90 17.39 5.85 -3.17
C TYR A 90 18.14 6.95 -3.94
N ASP A 91 18.09 6.92 -5.29
CA ASP A 91 18.77 7.95 -6.08
C ASP A 91 17.95 9.24 -6.08
N SER A 92 18.65 10.37 -5.89
CA SER A 92 18.02 11.69 -5.78
C SER A 92 17.54 12.25 -7.12
N TYR A 93 17.74 11.53 -8.25
CA TYR A 93 17.21 11.96 -9.55
C TYR A 93 15.69 11.83 -9.49
N LEU A 94 15.19 10.66 -8.99
CA LEU A 94 13.77 10.34 -8.84
C LEU A 94 13.13 11.10 -7.68
N PHE A 95 11.83 11.39 -7.81
CA PHE A 95 11.04 12.11 -6.81
C PHE A 95 10.79 11.30 -5.52
N SER A 96 10.89 12.00 -4.36
CA SER A 96 10.57 11.51 -3.02
C SER A 96 9.99 12.67 -2.20
N ASP A 97 8.87 12.47 -1.49
CA ASP A 97 8.29 13.52 -0.66
C ASP A 97 9.14 13.75 0.60
N ILE A 98 9.04 14.95 1.17
CA ILE A 98 9.81 15.36 2.34
C ILE A 98 8.92 15.44 3.59
N GLU A 99 9.44 15.02 4.73
CA GLU A 99 8.69 15.02 5.99
C GLU A 99 9.45 15.85 7.00
N PHE A 100 8.79 16.80 7.66
CA PHE A 100 9.48 17.62 8.66
C PHE A 100 8.66 17.84 9.90
N TYR A 101 9.36 18.01 11.04
CA TYR A 101 8.78 18.28 12.34
C TYR A 101 8.55 19.78 12.51
N SER A 102 7.54 20.15 13.31
CA SER A 102 7.23 21.53 13.58
C SER A 102 6.50 21.74 14.90
N PRO A 103 6.84 22.79 15.68
CA PRO A 103 6.04 23.07 16.89
C PRO A 103 4.71 23.76 16.55
N THR A 104 4.58 24.31 15.30
CA THR A 104 3.38 25.02 14.79
C THR A 104 3.02 24.47 13.38
N PRO A 105 2.58 23.19 13.26
CA PRO A 105 2.35 22.61 11.93
C PRO A 105 1.20 23.21 11.11
N VAL A 106 0.09 23.66 11.73
CA VAL A 106 -1.03 24.26 10.99
C VAL A 106 -0.62 25.68 10.49
N PRO A 107 -0.03 26.60 11.31
CA PRO A 107 0.46 27.88 10.75
C PRO A 107 1.47 27.68 9.63
N ASP A 108 2.38 26.70 9.76
CA ASP A 108 3.36 26.38 8.70
C ASP A 108 2.67 25.89 7.42
N LEU A 109 1.66 25.01 7.59
CA LEU A 109 0.89 24.46 6.48
C LEU A 109 0.21 25.62 5.69
N LYS A 110 -0.43 26.58 6.41
CA LYS A 110 -1.09 27.73 5.78
C LYS A 110 -0.07 28.60 5.05
N GLU A 111 1.03 28.97 5.72
CA GLU A 111 2.06 29.82 5.14
C GLU A 111 2.65 29.23 3.87
N LEU A 112 3.02 27.93 3.89
CA LEU A 112 3.56 27.24 2.73
C LEU A 112 2.50 27.08 1.61
N CYS A 113 1.23 26.78 1.94
CA CYS A 113 0.13 26.71 0.95
C CYS A 113 -0.12 28.06 0.30
N ASP A 114 -0.06 29.14 1.08
CA ASP A 114 -0.23 30.51 0.59
C ASP A 114 0.89 30.90 -0.37
N ILE A 115 2.19 30.59 -0.01
CA ILE A 115 3.37 30.85 -0.86
C ILE A 115 3.19 30.20 -2.22
N LEU A 116 2.84 28.91 -2.25
CA LEU A 116 2.60 28.15 -3.48
C LEU A 116 1.40 28.72 -4.27
N TYR A 117 0.30 29.12 -3.58
CA TYR A 117 -0.87 29.73 -4.23
C TYR A 117 -0.48 31.06 -4.93
N HIS A 118 0.17 31.98 -4.20
CA HIS A 118 0.60 33.27 -4.72
C HIS A 118 1.67 33.14 -5.81
N LYS A 119 2.38 31.99 -5.88
CA LYS A 119 3.34 31.71 -6.94
C LYS A 119 2.68 31.18 -8.23
N GLY A 120 1.36 31.04 -8.22
CA GLY A 120 0.59 30.63 -9.38
C GLY A 120 0.19 29.18 -9.49
N TYR A 121 0.47 28.37 -8.46
CA TYR A 121 0.12 26.94 -8.48
C TYR A 121 -1.34 26.72 -8.13
N ASP A 122 -1.99 25.80 -8.83
CA ASP A 122 -3.40 25.46 -8.62
C ASP A 122 -3.68 24.09 -9.24
N PRO A 123 -4.35 23.16 -8.52
CA PRO A 123 -4.85 23.26 -7.13
C PRO A 123 -3.74 23.10 -6.07
N VAL A 124 -3.92 23.80 -4.94
CA VAL A 124 -3.02 23.75 -3.77
C VAL A 124 -3.89 23.49 -2.55
N GLN A 125 -3.61 22.38 -1.80
CA GLN A 125 -4.34 22.06 -0.58
C GLN A 125 -3.48 21.45 0.49
N GLY A 126 -3.70 21.88 1.73
CA GLY A 126 -3.10 21.30 2.92
C GLY A 126 -4.16 20.42 3.57
N LYS A 127 -3.86 19.14 3.79
CA LYS A 127 -4.87 18.22 4.36
C LYS A 127 -4.34 17.47 5.53
N GLU A 128 -5.22 17.16 6.50
CA GLU A 128 -4.90 16.30 7.64
C GLU A 128 -4.56 14.94 7.06
N ALA A 129 -3.40 14.37 7.45
CA ALA A 129 -2.99 13.05 6.97
C ALA A 129 -3.74 11.97 7.77
N GLN A 130 -3.63 10.69 7.33
CA GLN A 130 -4.25 9.53 7.97
C GLN A 130 -3.86 9.39 9.45
N HIS A 131 -2.63 9.80 9.79
CA HIS A 131 -2.16 9.86 11.17
C HIS A 131 -2.36 11.26 11.68
N GLU A 132 -3.15 11.37 12.74
CA GLU A 132 -3.50 12.62 13.42
C GLU A 132 -2.21 13.33 13.87
N GLU A 133 -2.21 14.68 13.76
CA GLU A 133 -1.10 15.60 14.13
C GLU A 133 -0.04 15.71 12.99
N THR A 134 -0.31 15.06 11.84
CA THR A 134 0.46 15.14 10.59
C THR A 134 -0.45 15.77 9.51
N TYR A 135 0.11 16.72 8.74
CA TYR A 135 -0.60 17.45 7.69
C TYR A 135 0.20 17.36 6.40
N SER A 136 -0.48 17.15 5.27
CA SER A 136 0.12 16.95 3.97
C SER A 136 -0.18 18.08 2.96
N ILE A 137 0.82 18.47 2.17
CA ILE A 137 0.65 19.48 1.11
C ILE A 137 0.61 18.79 -0.27
N PHE A 138 -0.46 19.07 -1.01
CA PHE A 138 -0.71 18.56 -2.35
C PHE A 138 -0.72 19.75 -3.31
N VAL A 139 0.15 19.69 -4.34
CA VAL A 139 0.22 20.70 -5.38
C VAL A 139 -0.04 19.97 -6.70
N ASN A 140 -1.10 20.36 -7.42
CA ASN A 140 -1.53 19.74 -8.68
C ASN A 140 -1.79 18.23 -8.47
N LEU A 141 -2.52 17.91 -7.37
CA LEU A 141 -2.93 16.55 -6.96
C LEU A 141 -1.78 15.64 -6.55
N GLN A 142 -0.54 16.17 -6.48
CA GLN A 142 0.67 15.46 -6.11
C GLN A 142 1.11 15.80 -4.68
N LEU A 143 1.42 14.76 -3.86
CA LEU A 143 1.93 14.94 -2.47
C LEU A 143 3.36 15.43 -2.49
N TYR A 144 3.68 16.49 -1.74
CA TYR A 144 5.05 16.99 -1.69
C TYR A 144 5.71 16.90 -0.33
N CYS A 145 4.95 17.18 0.74
CA CYS A 145 5.51 17.17 2.09
C CYS A 145 4.49 16.82 3.17
N ASP A 146 5.03 16.34 4.32
CA ASP A 146 4.30 16.01 5.54
C ASP A 146 4.87 16.89 6.64
N ILE A 147 3.98 17.51 7.43
CA ILE A 147 4.31 18.39 8.55
C ILE A 147 3.71 17.76 9.82
N THR A 148 4.60 17.31 10.75
CA THR A 148 4.21 16.66 11.99
C THR A 148 4.44 17.55 13.23
N TYR A 149 3.42 17.61 14.09
CA TYR A 149 3.49 18.35 15.33
C TYR A 149 4.43 17.72 16.32
N VAL A 150 5.27 18.55 16.94
CA VAL A 150 6.14 18.17 18.03
C VAL A 150 6.01 19.27 19.12
N PRO A 151 5.61 18.94 20.39
CA PRO A 151 5.54 19.99 21.43
C PRO A 151 6.86 20.73 21.53
N THR A 152 6.78 22.07 21.62
CA THR A 152 7.87 23.04 21.64
C THR A 152 9.14 22.55 22.35
N LYS A 153 8.99 22.13 23.62
CA LYS A 153 10.08 21.65 24.49
C LYS A 153 10.75 20.42 23.91
N VAL A 154 9.95 19.45 23.43
CA VAL A 154 10.47 18.23 22.79
C VAL A 154 11.18 18.62 21.48
N TYR A 155 10.52 19.47 20.65
CA TYR A 155 11.05 19.93 19.37
C TYR A 155 12.46 20.49 19.45
N HIS A 156 12.72 21.42 20.39
CA HIS A 156 14.03 22.04 20.53
C HIS A 156 15.12 21.09 21.01
N GLY A 157 14.69 19.97 21.62
CA GLY A 157 15.58 18.93 22.10
C GLY A 157 16.02 17.92 21.06
N ILE A 158 15.34 17.89 19.88
CA ILE A 158 15.69 16.95 18.80
C ILE A 158 17.01 17.39 18.18
N LYS A 159 18.01 16.50 18.22
CA LYS A 159 19.35 16.73 17.68
C LYS A 159 19.37 16.53 16.18
N THR A 160 20.07 17.44 15.49
CA THR A 160 20.12 17.42 14.02
C THR A 160 21.54 17.52 13.48
N ILE A 161 21.69 17.20 12.19
CA ILE A 161 22.89 17.35 11.39
C ILE A 161 22.50 18.30 10.26
N GLU A 162 23.18 19.47 10.18
CA GLU A 162 22.92 20.46 9.14
C GLU A 162 23.68 20.15 7.84
N ILE A 163 22.95 19.94 6.75
CA ILE A 163 23.50 19.67 5.43
C ILE A 163 22.82 20.64 4.46
N ASP A 164 23.65 21.49 3.76
CA ASP A 164 23.21 22.49 2.78
C ASP A 164 22.13 23.46 3.35
N GLY A 165 22.30 23.85 4.60
CA GLY A 165 21.39 24.74 5.30
C GLY A 165 20.14 24.10 5.90
N ILE A 166 19.93 22.79 5.68
CA ILE A 166 18.77 22.09 6.22
C ILE A 166 19.15 21.21 7.42
N ASN A 167 18.34 21.27 8.49
CA ASN A 167 18.50 20.50 9.72
C ASN A 167 17.84 19.12 9.55
N TYR A 168 18.67 18.08 9.51
CA TYR A 168 18.19 16.71 9.36
C TYR A 168 18.27 16.00 10.70
N THR A 169 17.15 15.36 11.11
CA THR A 169 17.07 14.60 12.36
C THR A 169 18.25 13.65 12.47
N HIS A 170 18.93 13.65 13.64
CA HIS A 170 20.07 12.78 13.85
C HIS A 170 19.70 11.29 13.66
N PRO A 171 20.51 10.51 12.90
CA PRO A 171 20.23 9.06 12.75
C PRO A 171 19.89 8.31 14.05
N HIS A 172 20.53 8.66 15.18
CA HIS A 172 20.31 7.95 16.43
C HIS A 172 19.02 8.40 17.15
N PHE A 173 18.36 9.47 16.65
CA PHE A 173 17.03 9.84 17.10
C PHE A 173 16.07 9.01 16.20
N LEU A 175 16.65 6.18 14.74
CA LEU A 175 16.78 4.78 15.13
C LEU A 175 15.63 4.37 16.10
N ILE A 176 15.21 5.29 17.02
CA ILE A 176 14.09 5.07 17.94
C ILE A 176 12.81 4.66 17.17
N ASP A 177 12.50 5.35 16.05
CA ASP A 177 11.34 5.04 15.26
C ASP A 177 11.42 3.65 14.57
N TYR A 178 12.60 3.24 14.07
CA TYR A 178 12.75 1.89 13.50
C TYR A 178 12.62 0.81 14.58
N LEU A 179 13.15 1.08 15.80
CA LEU A 179 13.00 0.16 16.93
C LEU A 179 11.53 0.06 17.36
N ARG A 180 10.77 1.18 17.28
CA ARG A 180 9.33 1.19 17.58
C ARG A 180 8.57 0.19 16.71
N ILE A 182 9.97 -2.55 15.07
CA ILE A 182 10.48 -3.86 15.50
C ILE A 182 9.80 -4.31 16.80
N ASN A 183 9.53 -3.36 17.71
CA ASN A 183 8.90 -3.64 19.00
C ASN A 183 7.37 -3.72 18.98
N GLN A 184 6.74 -3.77 17.78
CA GLN A 184 5.29 -3.95 17.63
C GLN A 184 5.09 -5.13 16.69
N PRO A 185 5.41 -6.38 17.12
CA PRO A 185 5.35 -7.51 16.18
C PRO A 185 3.99 -7.84 15.55
N LEU A 186 2.90 -7.73 16.30
CA LEU A 186 1.59 -8.12 15.79
C LEU A 186 0.95 -7.11 14.84
N THR A 187 1.39 -5.84 14.87
CA THR A 187 0.83 -4.79 14.05
C THR A 187 1.76 -4.29 12.93
N ALA A 188 3.09 -4.38 13.13
CA ALA A 188 4.03 -3.82 12.17
C ALA A 188 4.88 -4.82 11.38
N ALA A 189 4.91 -6.11 11.76
CA ALA A 189 5.77 -7.10 11.09
C ALA A 189 5.57 -7.16 9.57
N GLU A 190 4.32 -7.45 9.15
CA GLU A 190 3.90 -7.59 7.74
C GLU A 190 4.33 -6.44 6.83
N GLN A 191 4.00 -5.19 7.22
CA GLN A 191 4.28 -4.03 6.38
C GLN A 191 5.59 -3.28 6.67
N ARG A 192 6.20 -3.45 7.86
CA ARG A 192 7.35 -2.62 8.18
C ARG A 192 8.69 -3.32 8.47
N TRP A 193 8.71 -4.57 8.96
CA TRP A 193 9.95 -5.23 9.42
C TRP A 193 11.10 -5.36 8.41
N GLU A 194 10.83 -5.78 7.16
CA GLU A 194 11.87 -5.94 6.14
C GLU A 194 12.54 -4.62 5.80
N LYS A 195 11.73 -3.56 5.63
CA LYS A 195 12.18 -2.20 5.34
C LYS A 195 12.89 -1.59 6.55
N ALA A 196 12.35 -1.80 7.78
CA ALA A 196 12.95 -1.31 9.03
C ALA A 196 14.36 -1.90 9.24
N PHE A 197 14.53 -3.22 8.97
CA PHE A 197 15.84 -3.87 9.08
C PHE A 197 16.84 -3.28 8.08
N ASP A 198 16.40 -3.12 6.81
CA ASP A 198 17.23 -2.54 5.75
C ASP A 198 17.74 -1.16 6.12
N ARG A 199 16.83 -0.31 6.64
CA ARG A 199 17.16 1.06 7.04
C ARG A 199 18.09 1.10 8.27
N TYR A 201 20.16 -1.32 9.36
CA TYR A 201 21.45 -1.86 8.95
C TYR A 201 22.34 -0.78 8.34
N VAL A 202 21.85 -0.06 7.33
CA VAL A 202 22.65 0.97 6.66
C VAL A 202 22.91 2.17 7.62
N LEU A 203 21.93 2.51 8.50
CA LEU A 203 22.05 3.57 9.50
C LEU A 203 23.24 3.28 10.43
N LEU A 204 23.25 2.09 11.09
CA LEU A 204 24.29 1.69 12.06
C LEU A 204 25.66 1.48 11.43
N LYS A 205 25.68 1.09 10.14
CA LYS A 205 26.91 0.87 9.40
C LYS A 205 27.67 2.20 9.26
N ASN A 206 26.95 3.29 8.97
CA ASN A 206 27.51 4.64 8.79
C ASN A 206 27.55 5.46 10.05
N TYR A 207 26.64 5.20 11.00
CA TYR A 207 26.53 5.90 12.28
C TYR A 207 26.50 4.81 13.36
N PRO A 208 27.67 4.18 13.66
CA PRO A 208 27.67 3.06 14.61
C PRO A 208 27.36 3.40 16.06
N GLU A 210 28.12 3.86 19.82
CA GLU A 210 29.35 4.37 20.42
C GLU A 210 29.85 3.41 21.51
N LYS A 211 31.13 3.54 21.83
CA LYS A 211 31.72 2.76 22.91
C LYS A 211 32.11 3.73 24.02
N TYR A 212 31.58 3.50 25.23
CA TYR A 212 31.88 4.33 26.40
C TYR A 212 32.65 3.52 27.42
N ASP A 213 33.74 4.11 27.92
CA ASP A 213 34.65 3.49 28.86
C ASP A 213 34.22 3.72 30.30
N ASN A 214 33.55 4.87 30.56
CA ASN A 214 33.09 5.30 31.89
C ASN A 214 32.17 4.32 32.60
N SER A 215 32.04 4.50 33.93
CA SER A 215 31.16 3.69 34.78
C SER A 215 29.98 4.54 35.25
N ARG A 217 27.18 6.27 37.55
CA ARG A 217 27.18 6.96 38.84
C ARG A 217 25.74 7.14 39.34
N ILE A 218 25.10 6.03 39.75
CA ILE A 218 23.74 6.07 40.30
C ILE A 218 23.81 6.06 41.82
N THR A 219 23.23 7.08 42.45
CA THR A 219 23.17 7.23 43.91
C THR A 219 22.29 6.10 44.51
N SER A 220 22.84 5.34 45.47
CA SER A 220 22.11 4.24 46.15
C SER A 220 20.99 4.86 46.98
N PRO A 221 19.74 4.37 46.84
CA PRO A 221 18.62 4.97 47.59
C PRO A 221 18.73 4.74 49.10
N ARG A 222 17.96 5.53 49.89
CA ARG A 222 17.85 5.42 51.36
C ARG A 222 17.44 3.97 51.69
N ASP A 223 18.02 3.38 52.75
CA ASP A 223 17.82 1.98 53.16
C ASP A 223 16.37 1.48 53.15
N ASP A 224 15.41 2.32 53.61
CA ASP A 224 13.98 1.96 53.62
C ASP A 224 13.47 1.86 52.18
N ILE A 225 13.81 2.86 51.32
CA ILE A 225 13.43 2.91 49.88
C ILE A 225 13.95 1.64 49.20
N GLN A 226 15.22 1.26 49.46
CA GLN A 226 15.87 0.06 48.94
C GLN A 226 15.09 -1.20 49.25
N TYR A 228 11.82 -1.23 50.11
CA TYR A 228 10.53 -1.04 49.43
C TYR A 228 10.64 -1.48 47.95
N ILE A 229 11.73 -1.02 47.27
CA ILE A 229 12.12 -1.38 45.90
C ILE A 229 12.17 -2.89 45.79
N GLY A 230 12.82 -3.55 46.77
CA GLY A 230 12.95 -5.00 46.84
C GLY A 230 11.64 -5.76 46.96
N LYS A 231 10.69 -5.21 47.74
CA LYS A 231 9.35 -5.79 47.94
C LYS A 231 8.50 -5.68 46.68
N VAL A 232 8.73 -4.65 45.84
CA VAL A 232 8.06 -4.52 44.54
C VAL A 232 8.48 -5.72 43.65
N LYS A 233 9.80 -6.03 43.59
CA LYS A 233 10.27 -7.17 42.81
C LYS A 233 9.96 -8.54 43.45
N SER A 234 10.30 -8.73 44.74
CA SER A 234 10.13 -10.01 45.45
C SER A 234 8.69 -10.39 45.78
N GLU A 235 7.79 -9.41 45.99
CA GLU A 235 6.39 -9.68 46.34
C GLU A 235 5.36 -9.26 45.27
N PHE A 236 5.33 -7.96 44.91
CA PHE A 236 4.38 -7.42 43.92
C PHE A 236 4.45 -8.16 42.59
N LYS A 238 5.08 -11.11 42.01
CA LYS A 238 4.70 -12.52 42.11
C LYS A 238 3.18 -12.74 42.03
N ILE A 239 2.40 -11.63 42.15
CA ILE A 239 0.94 -11.64 42.04
C ILE A 239 0.58 -12.07 40.58
N PRO A 240 -0.07 -13.25 40.38
CA PRO A 240 -0.37 -13.73 39.01
C PRO A 240 -0.99 -12.73 38.02
N GLU A 241 -1.92 -11.85 38.48
CA GLU A 241 -2.51 -10.87 37.57
C GLU A 241 -1.52 -9.77 37.20
N ILE A 242 -0.51 -9.55 38.06
CA ILE A 242 0.57 -8.58 37.80
C ILE A 242 1.53 -9.16 36.75
N GLN A 243 1.93 -10.45 36.90
CA GLN A 243 2.83 -11.14 35.97
C GLN A 243 2.26 -11.22 34.57
N GLU A 244 0.93 -11.22 34.44
CA GLU A 244 0.24 -11.33 33.15
C GLU A 244 -0.10 -9.98 32.51
N SER A 245 0.14 -8.87 33.22
CA SER A 245 -0.16 -7.51 32.72
C SER A 245 1.02 -6.52 32.83
N CYS A 246 2.12 -6.88 33.53
CA CYS A 246 3.32 -6.06 33.73
C CYS A 246 4.56 -6.68 33.16
N LEU A 247 5.50 -5.79 32.76
CA LEU A 247 6.82 -6.17 32.28
C LEU A 247 7.79 -5.31 33.00
N ILE A 248 8.87 -5.92 33.50
CA ILE A 248 9.93 -5.21 34.20
C ILE A 248 10.75 -4.51 33.09
N SER A 249 11.02 -3.24 33.31
CA SER A 249 11.74 -2.40 32.37
C SER A 249 12.87 -1.64 33.12
N GLY A 250 13.37 -0.52 32.58
CA GLY A 250 14.41 0.30 33.21
C GLY A 250 15.69 -0.45 33.57
N PHE A 251 16.32 -0.04 34.66
CA PHE A 251 17.61 -0.60 35.11
C PHE A 251 17.55 -2.06 35.62
N ASP A 252 16.38 -2.50 36.14
CA ASP A 252 16.29 -3.89 36.57
C ASP A 252 16.29 -4.81 35.36
N ALA A 253 15.63 -4.42 34.24
CA ALA A 253 15.65 -5.23 33.01
C ALA A 253 17.06 -5.19 32.40
N TYR A 254 17.75 -4.04 32.48
CA TYR A 254 19.11 -3.84 32.02
C TYR A 254 20.07 -4.82 32.78
N ASN A 255 19.96 -4.90 34.13
CA ASN A 255 20.78 -5.82 34.96
C ASN A 255 20.53 -7.27 34.59
N PHE A 256 19.29 -7.61 34.20
CA PHE A 256 18.93 -8.96 33.75
C PHE A 256 19.73 -9.36 32.49
N PHE A 257 19.84 -8.46 31.51
CA PHE A 257 20.61 -8.69 30.27
C PHE A 257 22.11 -8.77 30.54
N ILE A 258 22.63 -7.93 31.47
CA ILE A 258 24.04 -7.97 31.88
C ILE A 258 24.35 -9.35 32.54
N ARG A 259 23.50 -9.77 33.51
CA ARG A 259 23.63 -11.05 34.21
C ARG A 259 23.70 -12.22 33.24
N HIS A 260 22.83 -12.22 32.20
CA HIS A 260 22.82 -13.27 31.19
C HIS A 260 24.05 -13.30 30.37
N ALA A 261 24.60 -12.11 30.04
CA ALA A 261 25.80 -11.98 29.22
C ALA A 261 27.03 -12.54 29.94
N GLY A 263 26.78 -14.63 32.73
CA GLY A 263 26.35 -15.97 33.14
C GLY A 263 26.70 -16.42 34.55
N ASP A 264 27.20 -15.47 35.39
CA ASP A 264 27.66 -15.61 36.79
C ASP A 264 28.84 -16.63 36.99
N ARG A 265 29.10 -17.50 35.99
CA ARG A 265 30.14 -18.55 35.93
C ARG A 265 30.12 -19.46 37.17
N SER A 279 30.56 -7.84 28.79
CA SER A 279 29.68 -8.56 29.72
C SER A 279 30.13 -8.43 31.19
N LEU A 280 31.04 -7.47 31.47
CA LEU A 280 31.65 -7.18 32.78
C LEU A 280 30.69 -7.14 33.98
N LYS A 281 31.23 -7.51 35.15
CA LYS A 281 30.51 -7.50 36.44
C LYS A 281 30.28 -6.06 36.92
N ASN A 282 31.16 -5.13 36.48
CA ASN A 282 31.14 -3.69 36.79
C ASN A 282 30.02 -2.97 35.99
N PHE A 283 29.37 -3.70 35.07
CA PHE A 283 28.27 -3.23 34.23
C PHE A 283 26.96 -3.23 35.03
N ILE A 284 26.87 -4.11 36.07
CA ILE A 284 25.70 -4.21 36.97
C ILE A 284 25.57 -2.90 37.76
N THR A 285 24.38 -2.32 37.73
CA THR A 285 24.19 -1.03 38.42
C THR A 285 23.30 -1.19 39.66
N VAL A 286 23.39 -0.22 40.59
CA VAL A 286 22.47 -0.19 41.73
C VAL A 286 21.13 0.34 41.17
N LEU A 287 20.02 -0.24 41.63
CA LEU A 287 18.65 0.10 41.24
C LEU A 287 18.18 1.40 41.90
N PRO A 288 18.03 2.54 41.17
CA PRO A 288 17.53 3.77 41.81
C PRO A 288 16.04 3.70 42.15
N PHE A 289 15.29 2.83 41.45
CA PHE A 289 13.85 2.59 41.60
C PHE A 289 13.45 1.50 40.61
N GLU A 291 10.96 0.02 37.63
CA GLU A 291 10.30 0.62 36.46
C GLU A 291 9.52 -0.46 35.73
N LEU A 292 8.22 -0.23 35.60
CA LEU A 292 7.35 -1.22 34.95
C LEU A 292 6.59 -0.63 33.78
N ILE A 293 6.24 -1.50 32.85
CA ILE A 293 5.39 -1.19 31.71
C ILE A 293 4.13 -2.06 31.87
N SER A 294 2.95 -1.42 31.92
CA SER A 294 1.68 -2.13 32.12
C SER A 294 0.73 -2.00 30.94
N VAL A 295 0.09 -3.11 30.57
CA VAL A 295 -0.94 -3.16 29.53
C VAL A 295 -2.36 -3.03 30.17
N LYS A 296 -2.40 -2.91 31.53
CA LYS A 296 -3.62 -2.68 32.34
C LYS A 296 -3.25 -1.58 33.33
N TYR A 297 -2.79 -0.46 32.76
CA TYR A 297 -2.22 0.70 33.46
C TYR A 297 -2.91 1.13 34.75
N LYS A 298 -4.20 1.55 34.67
CA LYS A 298 -4.96 2.02 35.83
C LYS A 298 -5.08 0.93 36.91
N ASP A 299 -5.32 -0.32 36.48
CA ASP A 299 -5.42 -1.48 37.36
C ASP A 299 -4.09 -1.70 38.13
N THR A 300 -2.94 -1.60 37.42
CA THR A 300 -1.60 -1.76 38.00
C THR A 300 -1.28 -0.68 39.03
N VAL A 301 -1.48 0.60 38.67
CA VAL A 301 -1.18 1.76 39.53
C VAL A 301 -1.98 1.71 40.84
N GLU A 302 -3.27 1.31 40.75
CA GLU A 302 -4.17 1.19 41.90
C GLU A 302 -3.64 0.09 42.84
N LYS A 303 -3.43 -1.12 42.31
CA LYS A 303 -2.92 -2.27 43.04
C LYS A 303 -1.54 -2.02 43.68
N LEU A 304 -0.63 -1.31 42.97
CA LEU A 304 0.74 -0.99 43.40
C LEU A 304 0.76 0.04 44.51
N TYR A 305 -0.11 1.06 44.40
CA TYR A 305 -0.26 2.09 45.41
C TYR A 305 -0.80 1.44 46.69
N ASN A 306 -1.78 0.52 46.55
CA ASN A 306 -2.38 -0.20 47.67
C ASN A 306 -1.38 -1.13 48.35
N PHE A 307 -0.54 -1.82 47.55
CA PHE A 307 0.51 -2.73 48.01
C PHE A 307 1.49 -1.94 48.87
N LEU A 308 2.01 -0.82 48.33
CA LEU A 308 2.97 0.00 49.05
C LEU A 308 2.36 0.63 50.30
N ARG A 309 1.05 0.97 50.29
CA ARG A 309 0.36 1.53 51.47
C ARG A 309 0.45 0.55 52.65
N GLU A 310 0.23 -0.77 52.37
CA GLU A 310 0.33 -1.87 53.31
C GLU A 310 1.76 -2.04 53.87
N LYS A 311 2.74 -2.33 52.99
CA LYS A 311 4.15 -2.62 53.32
C LYS A 311 4.95 -1.48 53.93
N VAL A 312 4.49 -0.24 53.78
CA VAL A 312 5.22 0.93 54.28
C VAL A 312 4.87 1.28 55.75
N VAL A 313 5.86 1.80 56.50
CA VAL A 313 5.69 2.34 57.84
C VAL A 313 5.31 3.80 57.58
N ASN A 314 4.16 4.25 58.12
CA ASN A 314 3.57 5.59 57.88
C ASN A 314 3.04 5.74 56.42
N PRO A 315 1.91 5.06 56.09
CA PRO A 315 1.34 5.18 54.72
C PRO A 315 0.97 6.58 54.25
N ASP A 316 0.91 7.55 55.18
CA ASP A 316 0.58 8.95 54.89
C ASP A 316 1.73 9.65 54.19
N LEU A 317 2.90 9.00 54.11
CA LEU A 317 4.06 9.58 53.43
C LEU A 317 4.14 9.20 51.94
N ILE A 318 3.19 8.39 51.46
CA ILE A 318 3.11 7.95 50.07
C ILE A 318 2.39 8.97 49.19
N THR A 319 3.06 9.38 48.09
CA THR A 319 2.55 10.32 47.10
C THR A 319 2.69 9.73 45.69
N ILE A 320 1.91 10.29 44.72
CA ILE A 320 1.95 9.91 43.31
C ILE A 320 2.17 11.17 42.51
N ASP A 321 3.14 11.15 41.60
CA ASP A 321 3.42 12.19 40.63
C ASP A 321 3.03 11.56 39.30
N GLU A 322 2.23 12.28 38.50
CA GLU A 322 1.77 11.79 37.19
C GLU A 322 2.46 12.59 36.11
N TYR A 323 2.76 11.93 34.98
CA TYR A 323 3.44 12.57 33.84
C TYR A 323 2.69 12.32 32.55
N PHE A 324 2.56 13.36 31.72
CA PHE A 324 1.93 13.29 30.41
C PHE A 324 2.77 12.40 29.49
N PRO A 325 2.17 11.85 28.39
CA PRO A 325 2.97 11.07 27.42
C PRO A 325 4.11 11.90 26.84
N LEU A 326 5.19 11.23 26.44
CA LEU A 326 6.31 11.94 25.83
C LEU A 326 6.35 11.65 24.35
N PHE A 327 6.04 12.67 23.51
CA PHE A 327 6.02 12.61 22.05
C PHE A 327 5.24 11.36 21.59
N GLN A 328 5.83 10.53 20.72
CA GLN A 328 5.26 9.30 20.20
C GLN A 328 5.95 8.14 20.90
N PHE A 329 6.74 8.43 21.95
CA PHE A 329 7.61 7.43 22.59
C PHE A 329 7.01 6.71 23.79
N THR A 330 6.28 7.43 24.66
CA THR A 330 5.72 6.84 25.88
C THR A 330 4.28 7.25 26.04
N GLY A 331 3.56 6.48 26.86
CA GLY A 331 2.21 6.81 27.26
C GLY A 331 2.26 7.60 28.57
N TYR A 332 1.12 7.67 29.28
CA TYR A 332 1.05 8.31 30.59
C TYR A 332 1.93 7.51 31.56
N SER A 333 2.50 8.19 32.57
CA SER A 333 3.31 7.49 33.58
C SER A 333 3.06 8.05 34.98
N VAL A 334 3.46 7.28 36.01
CA VAL A 334 3.38 7.67 37.43
C VAL A 334 4.71 7.37 38.10
N SER A 335 4.99 8.07 39.20
CA SER A 335 6.10 7.83 40.08
C SER A 335 5.48 7.71 41.48
N ILE A 336 5.44 6.49 42.04
CA ILE A 336 4.94 6.24 43.39
C ILE A 336 6.11 6.45 44.37
N ASN A 337 6.05 7.55 45.12
CA ASN A 337 7.09 8.01 46.03
C ASN A 337 6.77 7.80 47.52
N TYR A 338 7.80 7.58 48.34
CA TYR A 338 7.67 7.51 49.81
C TYR A 338 8.57 8.58 50.41
N ASP A 339 7.97 9.54 51.13
CA ASP A 339 8.69 10.65 51.79
C ASP A 339 9.46 11.52 50.76
N GLY A 340 8.87 11.63 49.55
CA GLY A 340 9.41 12.38 48.42
C GLY A 340 10.45 11.65 47.60
N ILE A 341 10.66 10.35 47.88
CA ILE A 341 11.67 9.51 47.21
C ILE A 341 10.97 8.46 46.34
N PRO A 342 11.27 8.41 45.01
CA PRO A 342 10.62 7.38 44.16
C PRO A 342 10.99 5.94 44.49
N ILE A 343 9.99 5.07 44.52
CA ILE A 343 10.19 3.64 44.75
C ILE A 343 10.04 2.92 43.39
N VAL A 344 8.99 3.28 42.65
CA VAL A 344 8.61 2.61 41.41
C VAL A 344 7.90 3.59 40.46
N LYS A 345 8.18 3.42 39.15
CA LYS A 345 7.60 4.18 38.05
C LYS A 345 6.82 3.22 37.16
N VAL A 346 5.59 3.59 36.78
CA VAL A 346 4.74 2.76 35.91
C VAL A 346 4.42 3.52 34.62
N TYR A 347 4.54 2.83 33.47
CA TYR A 347 4.28 3.37 32.13
C TYR A 347 3.08 2.70 31.51
N GLU A 348 2.21 3.51 30.92
CA GLU A 348 1.00 3.02 30.24
C GLU A 348 1.33 2.42 28.85
N ALA A 349 0.85 1.20 28.60
CA ALA A 349 1.03 0.53 27.31
C ALA A 349 -0.25 -0.16 26.82
N ASP A 350 -1.41 0.19 27.41
CA ASP A 350 -2.75 -0.35 27.02
C ASP A 350 -2.97 -0.17 25.53
N GLY A 351 -3.35 -1.24 24.85
CA GLY A 351 -3.54 -1.22 23.41
C GLY A 351 -2.37 -1.78 22.62
N TYR A 352 -1.24 -1.99 23.29
CA TYR A 352 -0.06 -2.57 22.67
C TYR A 352 0.19 -3.96 23.17
N CYS A 353 0.73 -4.83 22.30
CA CYS A 353 1.16 -6.17 22.68
C CYS A 353 2.69 -6.00 22.82
N VAL A 354 3.18 -5.93 24.08
CA VAL A 354 4.58 -5.64 24.40
C VAL A 354 5.50 -6.89 24.41
N PRO A 355 6.61 -6.85 23.58
CA PRO A 355 7.54 -8.00 23.53
C PRO A 355 8.17 -8.33 24.88
N ASP A 356 8.01 -9.59 25.29
CA ASP A 356 8.40 -10.06 26.63
C ASP A 356 9.37 -11.23 26.66
N ILE A 357 9.98 -11.42 27.82
CA ILE A 357 10.83 -12.57 28.15
C ILE A 357 10.24 -13.12 29.46
N LYS A 358 9.54 -14.27 29.37
CA LYS A 358 8.94 -14.89 30.55
C LYS A 358 9.98 -15.79 31.23
N THR A 359 10.26 -15.54 32.52
CA THR A 359 11.23 -16.31 33.33
C THR A 359 10.50 -17.45 34.07
N THR A 360 11.26 -18.45 34.57
CA THR A 360 10.72 -19.58 35.33
C THR A 360 10.00 -19.13 36.61
N SER A 361 10.42 -17.97 37.15
CA SER A 361 9.83 -17.32 38.34
C SER A 361 8.38 -16.87 38.06
N GLY A 362 8.03 -16.70 36.79
CA GLY A 362 6.69 -16.27 36.36
C GLY A 362 6.64 -14.84 35.87
N TYR A 363 7.47 -13.94 36.46
CA TYR A 363 7.48 -12.55 36.03
C TYR A 363 8.23 -12.35 34.70
N ARG A 364 7.83 -11.28 34.00
CA ARG A 364 8.34 -10.93 32.68
C ARG A 364 9.18 -9.69 32.66
N TYR A 365 10.16 -9.71 31.77
CA TYR A 365 11.01 -8.57 31.43
C TYR A 365 10.64 -8.17 30.00
N VAL A 366 10.94 -6.96 29.61
CA VAL A 366 10.80 -6.51 28.22
C VAL A 366 11.91 -7.25 27.40
N SER A 367 11.74 -7.40 26.08
CA SER A 367 12.74 -8.02 25.21
C SER A 367 14.02 -7.14 25.09
N TYR A 368 15.11 -7.70 24.49
CA TYR A 368 16.39 -7.00 24.28
C TYR A 368 16.20 -5.74 23.43
N GLN A 369 15.53 -5.87 22.27
CA GLN A 369 15.33 -4.70 21.39
C GLN A 369 14.40 -3.70 22.03
N TYR A 370 13.55 -4.17 22.97
CA TYR A 370 12.64 -3.29 23.71
C TYR A 370 13.42 -2.45 24.71
N ILE A 371 14.28 -3.09 25.55
CA ILE A 371 15.09 -2.39 26.55
C ILE A 371 16.09 -1.42 25.87
N LEU A 372 16.62 -1.80 24.69
CA LEU A 372 17.51 -0.95 23.91
C LEU A 372 16.76 0.36 23.53
N ILE A 374 14.04 1.58 25.12
CA ILE A 374 13.75 2.25 26.40
C ILE A 374 14.94 3.11 26.86
N TYR A 376 17.27 4.42 24.98
CA TYR A 376 17.29 5.55 24.02
C TYR A 376 16.28 6.65 24.40
N ILE A 377 15.03 6.26 24.69
CA ILE A 377 13.95 7.18 25.09
C ILE A 377 14.32 7.87 26.43
N SER A 378 14.78 7.08 27.41
CA SER A 378 15.19 7.56 28.73
C SER A 378 16.37 8.56 28.66
N LYS A 379 17.34 8.31 27.76
CA LYS A 379 18.47 9.21 27.51
C LYS A 379 17.95 10.53 26.93
N PHE A 380 16.99 10.45 25.96
CA PHE A 380 16.39 11.64 25.34
C PHE A 380 15.63 12.46 26.38
N LYS A 381 14.83 11.79 27.24
CA LYS A 381 14.10 12.45 28.33
C LYS A 381 15.05 13.17 29.30
N ALA A 382 16.18 12.52 29.68
CA ALA A 382 17.17 13.12 30.57
C ALA A 382 17.78 14.38 29.93
N HIS A 383 17.98 14.35 28.59
CA HIS A 383 18.47 15.48 27.80
C HIS A 383 17.46 16.65 27.84
N LEU A 384 16.15 16.36 27.77
CA LEU A 384 15.10 17.38 27.85
C LEU A 384 15.01 17.95 29.27
N ASP A 385 15.18 17.09 30.29
CA ASP A 385 15.13 17.47 31.69
C ASP A 385 16.40 18.17 32.16
N LYS A 386 17.45 18.24 31.32
CA LYS A 386 18.75 18.82 31.66
C LYS A 386 19.39 18.10 32.88
N ASN A 387 19.01 16.81 33.06
CA ASN A 387 19.51 15.92 34.10
C ASN A 387 20.78 15.28 33.53
N LYS A 388 21.93 15.96 33.72
CA LYS A 388 23.26 15.56 33.24
C LYS A 388 23.71 14.20 33.75
N GLU A 389 23.45 13.89 35.03
CA GLU A 389 23.80 12.62 35.67
C GLU A 389 23.13 11.45 34.96
N TYR A 391 21.60 11.50 31.95
CA TYR A 391 21.92 11.55 30.53
C TYR A 391 23.17 10.70 30.25
N PHE A 392 24.20 10.84 31.09
CA PHE A 392 25.43 10.07 30.94
C PHE A 392 25.24 8.65 31.37
N ASN A 393 24.42 8.42 32.43
CA ASN A 393 24.11 7.06 32.90
C ASN A 393 23.40 6.21 31.84
N TYR A 394 22.36 6.77 31.16
CA TYR A 394 21.63 6.05 30.10
C TYR A 394 22.52 5.79 28.87
N GLY A 395 23.40 6.73 28.54
CA GLY A 395 24.39 6.61 27.46
C GLY A 395 25.34 5.44 27.69
N ILE A 396 25.83 5.32 28.95
CA ILE A 396 26.73 4.22 29.37
C ILE A 396 25.95 2.89 29.34
N ALA A 397 24.69 2.87 29.85
CA ALA A 397 23.84 1.67 29.81
C ALA A 397 23.66 1.15 28.36
N ILE A 398 23.47 2.07 27.37
CA ILE A 398 23.33 1.69 25.94
C ILE A 398 24.63 1.00 25.48
N SER A 399 25.78 1.65 25.72
CA SER A 399 27.12 1.14 25.38
C SER A 399 27.33 -0.26 26.01
N ASN A 400 27.04 -0.40 27.32
CA ASN A 400 27.13 -1.69 28.04
C ASN A 400 26.20 -2.77 27.50
N LEU A 401 24.99 -2.39 27.08
CA LEU A 401 23.98 -3.30 26.52
C LEU A 401 24.37 -3.86 25.15
N VAL A 402 25.00 -3.03 24.32
CA VAL A 402 25.48 -3.42 23.00
C VAL A 402 26.70 -4.36 23.21
N GLN A 403 27.61 -3.98 24.11
CA GLN A 403 28.80 -4.76 24.47
C GLN A 403 28.45 -6.14 25.03
N ALA A 404 27.52 -6.21 26.01
CA ALA A 404 27.05 -7.45 26.63
C ALA A 404 26.47 -8.39 25.56
N ARG A 405 25.65 -7.86 24.62
CA ARG A 405 25.07 -8.61 23.52
C ARG A 405 26.16 -9.16 22.59
N ASN A 406 27.11 -8.28 22.17
CA ASN A 406 28.22 -8.65 21.27
C ASN A 406 29.05 -9.75 21.87
N SER A 407 29.49 -9.60 23.13
CA SER A 407 30.25 -10.60 23.90
C SER A 407 29.50 -11.94 23.96
N TYR A 408 28.20 -11.91 24.31
CA TYR A 408 27.34 -13.08 24.39
C TYR A 408 27.26 -13.84 23.07
N LEU A 409 26.93 -13.16 21.96
CA LEU A 409 26.77 -13.80 20.65
C LEU A 409 28.10 -14.36 20.10
N ASN A 410 29.21 -13.67 20.43
CA ASN A 410 30.55 -14.03 20.04
C ASN A 410 30.93 -15.36 20.72
N GLN A 411 30.80 -15.45 22.06
CA GLN A 411 31.09 -16.66 22.81
C GLN A 411 30.15 -17.83 22.41
N LYS A 412 28.82 -17.59 22.29
CA LYS A 412 27.85 -18.63 21.92
C LYS A 412 27.94 -19.04 20.44
N ASN A 413 28.65 -18.24 19.60
CA ASN A 413 28.85 -18.40 18.15
C ASN A 413 27.53 -18.55 17.42
N ILE A 414 26.63 -17.59 17.64
CA ILE A 414 25.28 -17.66 17.07
C ILE A 414 24.91 -16.40 16.28
N GLY A 415 23.92 -16.54 15.40
CA GLY A 415 23.38 -15.43 14.61
C GLY A 415 22.58 -14.46 15.49
N VAL A 416 22.20 -13.29 14.92
CA VAL A 416 21.45 -12.22 15.58
C VAL A 416 20.01 -12.69 15.95
N ILE A 417 19.44 -13.60 15.14
CA ILE A 417 18.16 -14.27 15.39
C ILE A 417 18.55 -15.65 15.92
N ASN A 418 18.16 -15.92 17.17
CA ASN A 418 18.51 -17.16 17.91
C ASN A 418 17.42 -17.53 18.92
N ASP A 419 17.66 -18.54 19.77
CA ASP A 419 16.69 -18.98 20.78
C ASP A 419 17.05 -18.52 22.20
N THR A 420 17.85 -17.43 22.30
CA THR A 420 18.28 -16.86 23.58
C THR A 420 17.53 -15.54 23.86
N VAL A 421 17.76 -14.96 25.06
CA VAL A 421 17.22 -13.67 25.50
C VAL A 421 17.80 -12.52 24.65
N PHE A 422 18.94 -12.75 23.94
CA PHE A 422 19.57 -11.74 23.09
C PHE A 422 19.08 -11.77 21.64
N SER A 423 18.07 -12.60 21.31
CA SER A 423 17.55 -12.67 19.95
C SER A 423 16.84 -11.38 19.51
N GLU A 424 16.92 -11.10 18.21
CA GLU A 424 16.22 -9.97 17.61
C GLU A 424 14.96 -10.50 16.90
N PHE A 425 14.04 -9.60 16.47
CA PHE A 425 12.80 -9.92 15.73
C PHE A 425 11.92 -10.95 16.46
N ARG A 426 11.76 -10.77 17.77
CA ARG A 426 10.94 -11.64 18.59
C ARG A 426 9.46 -11.32 18.36
N ILE A 427 8.61 -12.37 18.34
CA ILE A 427 7.19 -12.14 18.08
C ILE A 427 6.32 -12.33 19.33
N GLY A 428 6.85 -12.99 20.36
CA GLY A 428 6.16 -13.21 21.62
C GLY A 428 5.91 -11.91 22.35
N CYS A 429 4.64 -11.65 22.75
CA CYS A 429 4.27 -10.41 23.43
C CYS A 429 3.06 -10.56 24.35
N ILE A 430 2.87 -9.62 25.29
CA ILE A 430 1.68 -9.63 26.16
C ILE A 430 0.84 -8.35 25.97
N GLY A 431 -0.49 -8.49 26.08
CA GLY A 431 -1.42 -7.39 25.96
C GLY A 431 -2.29 -7.45 24.71
N THR A 432 -3.52 -6.93 24.82
CA THR A 432 -4.50 -6.87 23.74
C THR A 432 -4.12 -5.74 22.78
N THR A 433 -4.15 -6.05 21.49
CA THR A 433 -3.87 -5.06 20.45
C THR A 433 -4.85 -5.21 19.28
N VAL A 434 -4.88 -4.22 18.39
CA VAL A 434 -5.68 -4.22 17.18
C VAL A 434 -4.86 -3.60 16.06
N SER A 435 -5.13 -4.02 14.81
CA SER A 435 -4.45 -3.54 13.60
C SER A 435 -4.51 -2.01 13.48
N TYR A 436 -3.55 -1.40 12.75
CA TYR A 436 -3.53 0.05 12.55
C TYR A 436 -4.83 0.52 11.84
N THR A 437 -5.31 -0.30 10.88
CA THR A 437 -6.51 -0.10 10.05
C THR A 437 -7.79 -0.09 10.90
N ARG A 438 -7.94 -1.06 11.85
CA ARG A 438 -9.10 -1.14 12.75
C ARG A 438 -9.14 0.07 13.71
N SER A 440 -7.71 3.01 13.31
CA SER A 440 -7.94 4.18 12.47
C SER A 440 -9.42 4.32 12.11
N ARG A 441 -10.12 3.20 11.87
CA ARG A 441 -11.55 3.20 11.53
C ARG A 441 -12.42 3.51 12.73
N LEU A 442 -12.04 2.98 13.91
CA LEU A 442 -12.71 3.24 15.19
C LEU A 442 -12.57 4.70 15.58
N ARG A 443 -11.37 5.28 15.34
CA ARG A 443 -11.10 6.69 15.63
C ARG A 443 -12.00 7.60 14.77
N LEU A 445 -14.97 6.83 13.47
CA LEU A 445 -16.32 6.65 14.00
C LEU A 445 -16.56 7.55 15.21
N GLU A 446 -15.55 7.65 16.11
CA GLU A 446 -15.60 8.48 17.30
C GLU A 446 -15.72 9.97 16.94
N LYS A 447 -14.91 10.41 15.94
CA LYS A 447 -14.90 11.79 15.41
C LYS A 447 -16.26 12.11 14.77
N LYS A 448 -16.82 11.15 14.00
CA LYS A 448 -18.12 11.28 13.33
C LYS A 448 -19.27 11.45 14.33
N LYS A 449 -19.29 10.63 15.41
CA LYS A 449 -20.30 10.65 16.46
C LYS A 449 -20.26 11.97 17.25
N GLN A 450 -19.05 12.47 17.57
CA GLN A 450 -18.84 13.70 18.33
C GLN A 450 -19.07 15.01 17.53
N GLY A 451 -19.46 14.90 16.26
CA GLY A 451 -19.67 16.05 15.38
C GLY A 451 -18.40 16.82 15.07
N LYS A 452 -17.25 16.11 15.07
CA LYS A 452 -15.94 16.67 14.77
C LYS A 452 -15.66 16.66 13.27
N VAL A 453 -14.72 17.53 12.88
CA VAL A 453 -14.19 17.64 11.51
C VAL A 453 -13.49 16.30 11.25
N ILE A 454 -13.93 15.55 10.24
CA ILE A 454 -13.33 14.24 9.92
C ILE A 454 -11.91 14.43 9.34
N GLN A 455 -11.75 15.37 8.39
CA GLN A 455 -10.49 15.74 7.77
C GLN A 455 -10.37 17.26 7.56
N PHE A 456 -9.47 17.87 8.33
CA PHE A 456 -9.17 19.28 8.18
C PHE A 456 -8.52 19.46 6.81
N VAL A 457 -8.96 20.50 6.09
CA VAL A 457 -8.48 20.85 4.77
C VAL A 457 -8.33 22.38 4.70
N TYR A 458 -7.18 22.85 4.25
CA TYR A 458 -6.93 24.27 4.02
C TYR A 458 -6.71 24.43 2.51
N THR A 459 -7.51 25.31 1.86
CA THR A 459 -7.42 25.61 0.43
C THR A 459 -7.20 27.14 0.30
N PRO A 460 -5.96 27.63 0.07
CA PRO A 460 -5.77 29.10 -0.07
C PRO A 460 -6.71 29.81 -1.05
N LYS A 461 -7.04 29.16 -2.20
CA LYS A 461 -7.94 29.69 -3.24
C LYS A 461 -9.28 30.10 -2.62
N GLN A 462 -9.86 29.21 -1.80
CA GLN A 462 -11.11 29.37 -1.08
C GLN A 462 -10.98 30.46 -0.01
N TYR A 463 -9.83 30.51 0.68
CA TYR A 463 -9.54 31.44 1.76
C TYR A 463 -9.45 32.87 1.26
N PHE A 464 -8.63 33.13 0.23
CA PHE A 464 -8.44 34.49 -0.29
C PHE A 464 -9.65 35.00 -1.07
N SER A 465 -10.60 34.09 -1.36
CA SER A 465 -11.84 34.40 -2.04
C SER A 465 -12.89 34.82 -1.01
N GLN A 466 -12.66 34.49 0.28
CA GLN A 466 -13.58 34.81 1.38
C GLN A 466 -13.41 36.23 1.90
N THR A 467 -14.43 36.71 2.64
CA THR A 467 -14.48 38.07 3.20
C THR A 467 -13.42 38.25 4.28
N PRO A 468 -13.01 39.50 4.60
CA PRO A 468 -12.02 39.72 5.69
C PRO A 468 -12.47 39.16 7.05
N GLU A 469 -13.79 39.12 7.33
CA GLU A 469 -14.36 38.58 8.58
C GLU A 469 -14.16 37.05 8.60
N GLN A 470 -14.53 36.35 7.50
CA GLN A 470 -14.38 34.89 7.32
C GLN A 470 -12.91 34.48 7.46
N GLN A 471 -11.99 35.24 6.82
CA GLN A 471 -10.55 35.03 6.87
C GLN A 471 -10.01 35.15 8.31
N ASN A 472 -10.46 36.17 9.05
CA ASN A 472 -10.06 36.41 10.44
C ASN A 472 -10.71 35.38 11.38
N ASN A 473 -11.91 34.85 11.02
CA ASN A 473 -12.59 33.79 11.76
C ASN A 473 -11.75 32.52 11.72
N PHE A 474 -11.07 32.28 10.57
CA PHE A 474 -10.19 31.13 10.34
C PHE A 474 -8.88 31.29 11.09
N ASP A 475 -8.27 32.49 11.03
CA ASP A 475 -7.00 32.76 11.72
C ASP A 475 -7.09 32.51 13.23
N GLU A 476 -8.27 32.85 13.82
CA GLU A 476 -8.59 32.67 15.24
C GLU A 476 -8.84 31.19 15.57
N SER A 477 -9.54 30.44 14.68
CA SER A 477 -9.77 28.99 14.80
C SER A 477 -8.43 28.27 14.94
N LYS A 479 -5.83 29.24 16.28
CA LYS A 479 -5.27 29.46 17.61
C LYS A 479 -6.05 28.68 18.69
N LYS A 480 -7.36 28.44 18.48
CA LYS A 480 -8.22 27.70 19.41
C LYS A 480 -8.06 26.16 19.31
N TYR A 481 -7.18 25.67 18.41
CA TYR A 481 -6.96 24.23 18.24
C TYR A 481 -5.87 23.71 19.17
N ARG A 482 -6.23 22.64 19.91
CA ARG A 482 -5.37 21.97 20.89
C ARG A 482 -4.92 20.57 20.43
N PHE A 483 -3.60 20.34 20.37
CA PHE A 483 -3.15 18.98 20.09
C PHE A 483 -3.13 18.27 21.44
N LYS A 484 -2.97 16.94 21.47
CA LYS A 484 -2.85 16.20 22.73
C LYS A 484 -1.58 16.64 23.46
N ASN A 485 -1.59 16.62 24.81
CA ASN A 485 -0.41 17.02 25.57
C ASN A 485 0.57 15.83 25.61
N THR A 486 1.64 15.89 24.78
CA THR A 486 2.69 14.89 24.66
C THR A 486 4.05 15.54 25.01
N SER A 487 4.02 16.49 25.99
CA SER A 487 5.18 17.24 26.47
C SER A 487 6.10 16.41 27.36
N GLY A 488 5.54 15.38 28.00
CA GLY A 488 6.24 14.56 28.97
C GLY A 488 6.38 15.25 30.32
N ASN A 489 5.71 16.41 30.54
CA ASN A 489 5.77 17.18 31.80
C ASN A 489 4.97 16.54 32.92
N LYS A 490 5.31 16.90 34.18
CA LYS A 490 4.55 16.50 35.35
C LYS A 490 3.18 17.20 35.23
N ILE A 491 2.09 16.48 35.53
CA ILE A 491 0.76 17.05 35.49
C ILE A 491 0.58 17.92 36.76
N THR A 492 0.24 19.21 36.60
CA THR A 492 0.05 20.14 37.74
C THR A 492 -1.42 20.55 37.95
N ILE A 493 -2.31 20.39 36.93
CA ILE A 493 -3.74 20.68 37.00
C ILE A 493 -4.49 19.42 37.49
N PRO A 494 -5.20 19.52 38.65
CA PRO A 494 -5.92 18.34 39.20
C PRO A 494 -6.93 17.67 38.26
N LYS A 495 -7.57 18.45 37.40
CA LYS A 495 -8.56 17.98 36.43
C LYS A 495 -7.95 17.11 35.32
N ASN A 496 -6.61 17.19 35.13
CA ASN A 496 -5.86 16.41 34.14
C ASN A 496 -5.28 15.10 34.69
N LEU A 497 -5.20 14.98 36.02
CA LEU A 497 -4.72 13.78 36.71
C LEU A 497 -5.63 12.58 36.44
N LEU A 498 -5.03 11.42 36.19
CA LEU A 498 -5.77 10.19 35.93
C LEU A 498 -6.16 9.47 37.23
N PHE A 499 -5.44 9.75 38.33
CA PHE A 499 -5.67 9.11 39.63
C PHE A 499 -6.01 10.14 40.69
N LYS A 500 -6.99 9.79 41.53
CA LYS A 500 -7.48 10.64 42.62
C LYS A 500 -7.07 10.06 43.97
N ILE A 501 -6.51 10.92 44.83
CA ILE A 501 -6.13 10.61 46.20
C ILE A 501 -7.02 11.45 47.13
N ASP A 502 -7.94 10.79 47.86
CA ASP A 502 -8.85 11.50 48.78
C ASP A 502 -8.16 11.85 50.11
N GLU A 503 -8.84 12.62 51.00
CA GLU A 503 -8.34 13.05 52.31
C GLU A 503 -7.95 11.87 53.22
N ARG A 504 -8.51 10.66 52.95
CA ARG A 504 -8.22 9.40 53.65
C ARG A 504 -7.06 8.62 52.96
N GLY A 505 -6.46 9.22 51.91
CA GLY A 505 -5.34 8.69 51.15
C GLY A 505 -5.65 7.50 50.25
N ASN A 506 -6.93 7.31 49.87
CA ASN A 506 -7.33 6.21 49.00
C ASN A 506 -7.30 6.61 47.53
N ILE A 507 -6.95 5.62 46.68
CA ILE A 507 -6.85 5.74 45.24
C ILE A 507 -8.13 5.34 44.51
N SER A 508 -8.45 6.13 43.50
CA SER A 508 -9.60 5.93 42.60
C SER A 508 -9.22 6.53 41.25
N GLU A 509 -9.77 5.99 40.15
CA GLU A 509 -9.51 6.57 38.82
C GLU A 509 -10.44 7.74 38.61
N GLU A 510 -9.88 8.87 38.16
CA GLU A 510 -10.58 10.13 37.85
C GLU A 510 -11.43 9.95 36.56
N ILE A 511 -12.58 10.65 36.47
CA ILE A 511 -13.49 10.52 35.33
C ILE A 511 -13.02 11.37 34.10
N SER A 512 -12.97 12.72 34.24
CA SER A 512 -12.57 13.77 33.27
C SER A 512 -12.45 13.33 31.76
N THR A 513 -13.21 14.02 30.87
CA THR A 513 -13.30 13.76 29.42
C THR A 513 -12.32 14.59 28.55
N GLU A 514 -12.30 15.93 28.75
CA GLU A 514 -11.45 16.83 27.94
C GLU A 514 -10.66 17.87 28.78
N GLU A 515 -9.43 18.21 28.29
CA GLU A 515 -8.38 19.15 28.73
C GLU A 515 -6.99 18.47 28.69
N ALA A 516 -5.97 19.18 28.13
CA ALA A 516 -4.61 18.64 28.01
C ALA A 516 -3.50 19.72 28.12
N TYR A 517 -3.24 20.20 29.36
CA TYR A 517 -2.24 21.19 29.84
C TYR A 517 -2.54 21.63 31.26
N ASN B 7 42.11 16.29 12.53
CA ASN B 7 41.86 17.19 13.65
C ASN B 7 40.34 17.37 13.95
N ARG B 8 39.49 16.38 13.55
CA ARG B 8 38.04 16.39 13.77
C ARG B 8 37.77 16.13 15.27
N ASN B 9 37.71 14.84 15.69
CA ASN B 9 37.58 14.35 17.07
C ASN B 9 38.14 12.92 17.15
N ARG B 10 39.33 12.82 17.72
CA ARG B 10 40.12 11.59 17.79
C ARG B 10 39.68 10.60 18.87
N LYS B 11 39.15 11.12 20.01
CA LYS B 11 38.73 10.34 21.18
C LYS B 11 37.56 9.33 20.96
N LEU B 12 36.86 9.34 19.80
CA LEU B 12 35.70 8.46 19.66
C LEU B 12 35.98 7.00 19.21
N SER B 13 35.43 6.08 20.01
CA SER B 13 35.42 4.64 19.84
C SER B 13 34.00 4.20 19.49
N TYR B 14 33.88 3.15 18.69
CA TYR B 14 32.59 2.64 18.25
C TYR B 14 32.52 1.14 18.37
N GLN B 15 31.31 0.57 18.32
CA GLN B 15 31.11 -0.90 18.39
C GLN B 15 30.46 -1.35 17.12
N GLU B 16 30.75 -2.57 16.65
CA GLU B 16 30.08 -3.09 15.46
C GLU B 16 28.84 -3.94 15.90
N TYR B 17 27.63 -3.45 15.61
CA TYR B 17 26.34 -4.04 15.96
C TYR B 17 26.00 -5.15 14.97
N TYR B 18 26.14 -4.88 13.67
CA TYR B 18 25.96 -5.87 12.62
C TYR B 18 27.28 -5.99 11.85
N VAL B 19 27.74 -7.23 11.61
CA VAL B 19 28.94 -7.53 10.83
C VAL B 19 28.53 -8.05 9.44
N ASP B 20 29.49 -8.29 8.54
CA ASP B 20 29.21 -8.88 7.22
C ASP B 20 28.77 -10.33 7.45
N GLY B 21 27.66 -10.69 6.82
CA GLY B 21 27.08 -12.01 7.01
C GLY B 21 25.77 -11.93 7.75
N ASP B 22 25.61 -10.90 8.64
CA ASP B 22 24.36 -10.70 9.39
C ASP B 22 23.18 -10.32 8.51
N TYR B 23 23.42 -9.48 7.47
CA TYR B 23 22.39 -9.05 6.54
C TYR B 23 21.69 -10.24 5.87
N GLU B 24 22.49 -11.13 5.27
CA GLU B 24 22.01 -12.32 4.54
C GLU B 24 21.22 -13.27 5.41
N GLU B 25 21.70 -13.50 6.65
CA GLU B 25 21.07 -14.35 7.67
C GLU B 25 19.67 -13.84 8.02
N VAL B 26 19.52 -12.51 8.28
CA VAL B 26 18.23 -11.89 8.64
C VAL B 26 17.28 -11.93 7.45
N ARG B 27 17.76 -11.59 6.23
CA ARG B 27 17.00 -11.59 4.99
C ARG B 27 16.36 -12.95 4.70
N LYS B 28 17.10 -14.03 4.94
CA LYS B 28 16.64 -15.40 4.74
C LYS B 28 15.61 -15.79 5.82
N LYS B 29 15.87 -15.44 7.10
CA LYS B 29 15.00 -15.80 8.22
C LYS B 29 13.71 -14.97 8.37
N LEU B 30 13.74 -13.68 7.95
CA LEU B 30 12.61 -12.74 8.10
C LEU B 30 11.29 -13.21 7.48
N PRO B 31 11.21 -13.70 6.22
CA PRO B 31 9.90 -14.09 5.66
C PRO B 31 9.11 -15.08 6.52
N GLU B 32 9.79 -16.06 7.15
CA GLU B 32 9.09 -17.02 8.01
C GLU B 32 8.68 -16.42 9.36
N ILE B 33 9.54 -15.55 9.96
CA ILE B 33 9.26 -14.86 11.23
C ILE B 33 7.99 -13.98 11.05
N ILE B 34 7.93 -13.23 9.92
CA ILE B 34 6.82 -12.34 9.54
C ILE B 34 5.53 -13.16 9.39
N LYS B 35 5.59 -14.33 8.74
CA LYS B 35 4.45 -15.25 8.54
C LYS B 35 3.90 -15.69 9.90
N GLN B 36 4.80 -16.05 10.85
CA GLN B 36 4.43 -16.48 12.19
C GLN B 36 3.80 -15.36 13.01
N ALA B 37 4.29 -14.11 12.84
CA ALA B 37 3.75 -12.93 13.52
C ALA B 37 2.35 -12.65 12.98
N ARG B 38 2.14 -12.84 11.67
CA ARG B 38 0.83 -12.68 11.02
C ARG B 38 -0.16 -13.76 11.50
N ILE B 39 0.27 -15.04 11.56
CA ILE B 39 -0.51 -16.17 12.06
C ILE B 39 -0.95 -15.91 13.52
N LYS B 40 0.01 -15.52 14.41
CA LYS B 40 -0.27 -15.23 15.82
C LYS B 40 -1.26 -14.08 15.96
N ALA B 41 -1.05 -12.98 15.20
CA ALA B 41 -1.92 -11.82 15.19
C ALA B 41 -3.37 -12.21 14.86
N SER B 42 -3.56 -13.12 13.86
CA SER B 42 -4.88 -13.62 13.44
C SER B 42 -5.63 -14.37 14.55
N GLN B 43 -4.90 -14.94 15.53
CA GLN B 43 -5.46 -15.71 16.66
C GLN B 43 -5.79 -14.88 17.89
N VAL B 44 -5.15 -13.72 18.07
CA VAL B 44 -5.34 -12.93 19.29
C VAL B 44 -5.96 -11.56 19.05
N GLU B 46 -8.87 -8.88 17.51
CA GLU B 46 -10.25 -8.74 17.05
C GLU B 46 -10.24 -8.04 15.65
N PRO B 47 -10.95 -8.57 14.61
CA PRO B 47 -11.71 -9.85 14.59
C PRO B 47 -10.76 -11.04 14.42
N THR B 48 -10.94 -12.09 15.22
CA THR B 48 -10.05 -13.26 15.14
C THR B 48 -10.34 -14.08 13.90
N ILE B 49 -9.39 -14.98 13.54
CA ILE B 49 -9.50 -15.91 12.42
C ILE B 49 -10.75 -16.78 12.54
N TYR B 50 -11.10 -17.14 13.78
CA TYR B 50 -12.28 -17.92 14.12
C TYR B 50 -13.53 -17.14 13.77
N GLU B 51 -13.59 -15.83 14.09
CA GLU B 51 -14.71 -14.94 13.74
C GLU B 51 -14.75 -14.73 12.21
N LYS B 52 -13.57 -14.51 11.60
CA LYS B 52 -13.40 -14.30 10.17
C LYS B 52 -13.92 -15.47 9.36
N ARG B 53 -13.55 -16.70 9.75
CA ARG B 53 -13.96 -17.93 9.09
C ARG B 53 -15.47 -18.11 9.03
N VAL B 54 -16.18 -17.77 10.12
CA VAL B 54 -17.63 -17.86 10.21
C VAL B 54 -18.32 -16.88 9.23
N VAL B 55 -17.87 -15.61 9.19
CA VAL B 55 -18.42 -14.59 8.27
C VAL B 55 -18.14 -15.02 6.80
N GLU B 57 -17.74 -18.05 5.60
CA GLU B 57 -18.56 -19.19 5.20
C GLU B 57 -19.94 -18.78 4.75
N ILE B 58 -20.51 -17.72 5.38
CA ILE B 58 -21.80 -17.15 5.01
C ILE B 58 -21.72 -16.58 3.56
N ILE B 59 -20.63 -15.83 3.27
CA ILE B 59 -20.36 -15.21 1.96
C ILE B 59 -20.22 -16.31 0.89
N LYS B 60 -19.45 -17.36 1.22
CA LYS B 60 -19.22 -18.53 0.38
C LYS B 60 -20.54 -19.27 0.06
N ASP B 61 -21.47 -19.33 1.04
CA ASP B 61 -22.80 -19.94 0.89
C ASP B 61 -23.61 -19.19 -0.12
N PHE B 62 -23.55 -17.83 -0.06
CA PHE B 62 -24.22 -16.94 -1.00
C PHE B 62 -23.66 -17.14 -2.41
N ILE B 63 -22.30 -17.15 -2.55
CA ILE B 63 -21.61 -17.33 -3.83
C ILE B 63 -22.03 -18.67 -4.45
N ARG B 64 -21.96 -19.75 -3.65
CA ARG B 64 -22.36 -21.11 -4.05
C ARG B 64 -23.84 -21.13 -4.55
N ASP B 65 -24.79 -20.60 -3.76
CA ASP B 65 -26.22 -20.51 -4.07
C ASP B 65 -26.53 -19.74 -5.35
N LYS B 66 -25.84 -18.63 -5.57
CA LYS B 66 -26.10 -17.76 -6.72
C LYS B 66 -25.30 -18.12 -7.97
N GLY B 67 -24.31 -18.99 -7.81
CA GLY B 67 -23.43 -19.41 -8.90
C GLY B 67 -22.47 -18.32 -9.37
N ARG B 68 -22.18 -17.34 -8.47
CA ARG B 68 -21.30 -16.20 -8.75
C ARG B 68 -19.89 -16.65 -9.05
N LYS B 69 -19.20 -15.93 -9.94
CA LYS B 69 -17.87 -16.30 -10.41
C LYS B 69 -16.74 -15.56 -9.66
N VAL B 70 -15.97 -16.30 -8.86
CA VAL B 70 -14.85 -15.79 -8.07
C VAL B 70 -13.64 -15.48 -8.97
N TYR B 71 -12.95 -14.34 -8.70
CA TYR B 71 -11.74 -13.99 -9.48
C TYR B 71 -10.61 -13.58 -8.53
N GLY B 72 -9.49 -13.10 -9.07
CA GLY B 72 -8.37 -12.62 -8.28
C GLY B 72 -7.60 -13.70 -7.55
N GLY B 73 -6.95 -13.29 -6.46
CA GLY B 73 -6.12 -14.14 -5.62
C GLY B 73 -6.76 -15.43 -5.15
N THR B 74 -7.99 -15.36 -4.63
CA THR B 74 -8.71 -16.55 -4.14
C THR B 74 -8.90 -17.56 -5.27
N ALA B 75 -9.35 -17.11 -6.47
CA ALA B 75 -9.54 -17.99 -7.62
C ALA B 75 -8.23 -18.58 -8.09
N LEU B 76 -7.15 -17.77 -8.18
CA LEU B 76 -5.83 -18.26 -8.59
C LEU B 76 -5.29 -19.26 -7.57
N ASN B 77 -5.40 -18.97 -6.28
CA ASN B 77 -4.96 -19.86 -5.21
C ASN B 77 -5.71 -21.22 -5.26
N GLU B 78 -7.05 -21.22 -5.44
CA GLU B 78 -7.85 -22.44 -5.51
C GLU B 78 -7.61 -23.29 -6.77
N THR B 79 -7.48 -22.66 -7.95
CA THR B 79 -7.24 -23.37 -9.19
C THR B 79 -5.84 -23.99 -9.20
N ILE B 80 -4.85 -23.28 -8.62
CA ILE B 80 -3.47 -23.76 -8.49
C ILE B 80 -3.37 -24.95 -7.51
N LYS B 81 -4.06 -24.84 -6.34
CA LYS B 81 -4.12 -25.86 -5.27
C LYS B 81 -4.73 -27.17 -5.77
N LYS B 82 -5.64 -27.08 -6.76
CA LYS B 82 -6.30 -28.22 -7.40
C LYS B 82 -5.24 -28.98 -8.22
N ASN B 84 -1.54 -28.44 -7.89
CA ASN B 84 -0.39 -28.69 -7.01
C ASN B 84 -0.49 -27.85 -5.72
N PRO B 85 -0.86 -28.50 -4.58
CA PRO B 85 -0.98 -27.75 -3.31
C PRO B 85 0.27 -27.02 -2.80
N GLU B 86 1.47 -27.47 -3.21
CA GLU B 86 2.73 -26.87 -2.82
C GLU B 86 2.98 -25.53 -3.56
N ASP B 87 2.16 -25.23 -4.59
CA ASP B 87 2.28 -24.01 -5.39
C ASP B 87 1.34 -22.85 -4.95
N ALA B 88 0.52 -23.08 -3.90
CA ALA B 88 -0.42 -22.11 -3.32
C ALA B 88 0.22 -20.75 -3.00
N ILE B 89 -0.59 -19.67 -3.12
CA ILE B 89 -0.18 -18.28 -2.84
C ILE B 89 -0.64 -17.87 -1.43
N TYR B 90 -1.65 -18.58 -0.87
CA TYR B 90 -2.15 -18.33 0.49
C TYR B 90 -1.98 -19.56 1.39
N ASP B 91 -1.67 -19.31 2.69
CA ASP B 91 -1.50 -20.35 3.71
C ASP B 91 -2.84 -20.94 4.14
N SER B 92 -3.95 -20.22 3.86
CA SER B 92 -5.34 -20.58 4.21
C SER B 92 -5.49 -20.77 5.75
N TYR B 93 -4.89 -19.82 6.46
CA TYR B 93 -4.90 -19.54 7.89
C TYR B 93 -4.77 -18.03 7.90
N LEU B 94 -4.07 -17.50 6.88
CA LEU B 94 -3.84 -16.08 6.66
C LEU B 94 -4.96 -15.56 5.78
N PHE B 95 -5.97 -14.97 6.46
CA PHE B 95 -7.18 -14.39 5.89
C PHE B 95 -6.93 -13.56 4.63
N SER B 96 -7.81 -13.73 3.63
CA SER B 96 -7.84 -12.98 2.38
C SER B 96 -9.29 -12.74 1.98
N ASP B 97 -9.61 -11.56 1.42
CA ASP B 97 -10.97 -11.26 0.99
C ASP B 97 -11.29 -11.95 -0.34
N ILE B 98 -12.60 -12.21 -0.60
CA ILE B 98 -13.06 -12.90 -1.80
C ILE B 98 -13.64 -11.88 -2.78
N GLU B 99 -13.22 -11.98 -4.03
CA GLU B 99 -13.69 -11.08 -5.08
C GLU B 99 -14.51 -11.88 -6.06
N PHE B 100 -15.73 -11.43 -6.37
CA PHE B 100 -16.55 -12.17 -7.34
C PHE B 100 -17.27 -11.26 -8.32
N TYR B 101 -17.49 -11.80 -9.53
CA TYR B 101 -18.20 -11.12 -10.61
C TYR B 101 -19.71 -11.31 -10.46
N SER B 102 -20.49 -10.33 -10.93
CA SER B 102 -21.94 -10.40 -10.86
C SER B 102 -22.61 -9.54 -11.93
N PRO B 103 -23.71 -10.04 -12.57
CA PRO B 103 -24.44 -9.18 -13.50
C PRO B 103 -25.34 -8.18 -12.76
N THR B 104 -25.61 -8.42 -11.44
CA THR B 104 -26.45 -7.57 -10.55
C THR B 104 -25.69 -7.30 -9.21
N PRO B 105 -24.58 -6.53 -9.23
CA PRO B 105 -23.78 -6.36 -8.00
C PRO B 105 -24.45 -5.59 -6.84
N VAL B 106 -25.29 -4.58 -7.11
CA VAL B 106 -25.97 -3.82 -6.04
C VAL B 106 -27.08 -4.71 -5.38
N PRO B 107 -27.99 -5.39 -6.14
CA PRO B 107 -28.94 -6.32 -5.50
C PRO B 107 -28.24 -7.41 -4.68
N ASP B 108 -27.11 -7.96 -5.18
CA ASP B 108 -26.32 -8.96 -4.44
C ASP B 108 -25.76 -8.39 -3.15
N LEU B 109 -25.23 -7.15 -3.22
CA LEU B 109 -24.65 -6.43 -2.08
C LEU B 109 -25.72 -6.29 -0.97
N LYS B 110 -26.94 -5.86 -1.33
CA LYS B 110 -28.04 -5.71 -0.38
C LYS B 110 -28.43 -7.06 0.25
N GLU B 111 -28.65 -8.07 -0.59
CA GLU B 111 -29.04 -9.40 -0.12
C GLU B 111 -28.04 -10.00 0.85
N LEU B 112 -26.73 -9.94 0.52
CA LEU B 112 -25.67 -10.44 1.38
C LEU B 112 -25.53 -9.61 2.67
N CYS B 113 -25.67 -8.28 2.60
CA CYS B 113 -25.63 -7.40 3.79
C CYS B 113 -26.81 -7.69 4.72
N ASP B 114 -27.99 -7.95 4.14
CA ASP B 114 -29.21 -8.30 4.88
C ASP B 114 -29.05 -9.63 5.61
N ILE B 115 -28.49 -10.68 4.93
CA ILE B 115 -28.22 -12.01 5.50
C ILE B 115 -27.34 -11.89 6.74
N LEU B 116 -26.22 -11.16 6.62
CA LEU B 116 -25.27 -10.91 7.71
C LEU B 116 -25.93 -10.11 8.86
N TYR B 117 -26.76 -9.09 8.52
CA TYR B 117 -27.48 -8.29 9.51
C TYR B 117 -28.45 -9.17 10.33
N HIS B 118 -29.31 -9.96 9.64
CA HIS B 118 -30.29 -10.84 10.27
C HIS B 118 -29.62 -11.97 11.06
N LYS B 119 -28.35 -12.29 10.76
CA LYS B 119 -27.58 -13.28 11.50
C LYS B 119 -26.95 -12.70 12.79
N GLY B 120 -27.19 -11.42 13.06
CA GLY B 120 -26.73 -10.75 14.28
C GLY B 120 -25.44 -9.96 14.21
N TYR B 121 -24.85 -9.81 13.01
CA TYR B 121 -23.60 -9.05 12.85
C TYR B 121 -23.84 -7.56 12.82
N ASP B 122 -22.97 -6.79 13.49
CA ASP B 122 -23.05 -5.34 13.55
C ASP B 122 -21.67 -4.77 13.94
N PRO B 123 -21.14 -3.73 13.23
CA PRO B 123 -21.70 -3.07 12.04
C PRO B 123 -21.53 -3.88 10.76
N VAL B 124 -22.50 -3.73 9.85
CA VAL B 124 -22.53 -4.36 8.52
C VAL B 124 -22.80 -3.27 7.52
N GLN B 125 -21.91 -3.15 6.51
CA GLN B 125 -22.02 -2.15 5.47
C GLN B 125 -21.49 -2.62 4.13
N GLY B 126 -22.22 -2.25 3.08
CA GLY B 126 -21.87 -2.47 1.68
C GLY B 126 -21.54 -1.10 1.14
N LYS B 127 -20.34 -0.93 0.57
CA LYS B 127 -19.90 0.38 0.08
C LYS B 127 -19.30 0.30 -1.33
N GLU B 128 -19.33 1.41 -2.05
CA GLU B 128 -18.69 1.56 -3.35
C GLU B 128 -17.16 1.51 -3.15
N ALA B 129 -16.45 0.69 -3.92
CA ALA B 129 -15.00 0.59 -3.79
C ALA B 129 -14.30 1.67 -4.60
N GLN B 130 -12.94 1.75 -4.52
CA GLN B 130 -12.15 2.75 -5.27
C GLN B 130 -12.34 2.56 -6.78
N HIS B 131 -12.35 1.29 -7.21
CA HIS B 131 -12.63 0.90 -8.58
C HIS B 131 -14.15 1.06 -8.75
N GLU B 132 -14.57 1.99 -9.63
CA GLU B 132 -15.99 2.18 -9.95
C GLU B 132 -16.55 0.86 -10.54
N GLU B 133 -17.81 0.49 -10.20
CA GLU B 133 -18.51 -0.73 -10.62
C GLU B 133 -18.14 -1.95 -9.74
N THR B 134 -17.34 -1.71 -8.68
CA THR B 134 -16.96 -2.66 -7.64
C THR B 134 -17.54 -2.15 -6.29
N TYR B 135 -18.12 -3.09 -5.50
CA TYR B 135 -18.73 -2.80 -4.20
C TYR B 135 -18.17 -3.73 -3.16
N SER B 136 -17.89 -3.20 -1.97
CA SER B 136 -17.25 -3.92 -0.87
C SER B 136 -18.15 -4.14 0.35
N ILE B 137 -18.07 -5.33 0.96
CA ILE B 137 -18.79 -5.65 2.21
C ILE B 137 -17.82 -5.63 3.40
N PHE B 138 -18.16 -4.84 4.42
CA PHE B 138 -17.42 -4.70 5.65
C PHE B 138 -18.29 -5.21 6.80
N VAL B 139 -17.77 -6.17 7.57
CA VAL B 139 -18.43 -6.72 8.75
C VAL B 139 -17.49 -6.49 9.91
N ASN B 140 -17.93 -5.72 10.92
CA ASN B 140 -17.16 -5.34 12.10
C ASN B 140 -15.87 -4.60 11.68
N LEU B 141 -16.02 -3.64 10.73
CA LEU B 141 -14.95 -2.79 10.19
C LEU B 141 -13.90 -3.53 9.33
N GLN B 142 -14.11 -4.84 9.09
CA GLN B 142 -13.23 -5.71 8.32
C GLN B 142 -13.81 -5.97 6.93
N LEU B 143 -12.96 -5.84 5.87
CA LEU B 143 -13.33 -6.12 4.47
C LEU B 143 -13.42 -7.63 4.24
N TYR B 144 -14.52 -8.11 3.67
CA TYR B 144 -14.67 -9.55 3.40
C TYR B 144 -14.78 -9.90 1.94
N CYS B 145 -15.48 -9.08 1.16
CA CYS B 145 -15.64 -9.37 -0.26
C CYS B 145 -15.84 -8.14 -1.13
N ASP B 146 -15.50 -8.29 -2.43
CA ASP B 146 -15.65 -7.31 -3.49
C ASP B 146 -16.58 -7.93 -4.52
N ILE B 147 -17.57 -7.16 -4.97
CA ILE B 147 -18.59 -7.55 -5.97
C ILE B 147 -18.44 -6.60 -7.17
N THR B 148 -18.01 -7.15 -8.32
CA THR B 148 -17.77 -6.39 -9.56
C THR B 148 -18.81 -6.67 -10.64
N TYR B 149 -19.32 -5.59 -11.23
CA TYR B 149 -20.28 -5.65 -12.32
C TYR B 149 -19.66 -6.23 -13.57
N VAL B 150 -20.39 -7.14 -14.21
CA VAL B 150 -20.06 -7.69 -15.52
C VAL B 150 -21.36 -7.71 -16.34
N PRO B 151 -21.42 -7.05 -17.54
CA PRO B 151 -22.65 -7.11 -18.35
C PRO B 151 -23.05 -8.57 -18.59
N THR B 152 -24.35 -8.86 -18.41
CA THR B 152 -24.99 -10.18 -18.48
C THR B 152 -24.39 -11.13 -19.53
N LYS B 153 -24.31 -10.66 -20.80
CA LYS B 153 -23.79 -11.42 -21.96
C LYS B 153 -22.33 -11.82 -21.75
N VAL B 154 -21.50 -10.87 -21.29
CA VAL B 154 -20.09 -11.11 -21.00
C VAL B 154 -19.99 -12.07 -19.80
N TYR B 155 -20.77 -11.81 -18.73
CA TYR B 155 -20.78 -12.62 -17.51
C TYR B 155 -20.97 -14.12 -17.77
N HIS B 156 -21.98 -14.50 -18.58
CA HIS B 156 -22.28 -15.90 -18.87
C HIS B 156 -21.21 -16.58 -19.71
N GLY B 157 -20.40 -15.79 -20.40
CA GLY B 157 -19.31 -16.26 -21.23
C GLY B 157 -18.01 -16.52 -20.50
N ILE B 158 -17.88 -16.03 -19.24
CA ILE B 158 -16.66 -16.24 -18.46
C ILE B 158 -16.58 -17.72 -18.04
N LYS B 159 -15.51 -18.38 -18.45
CA LYS B 159 -15.25 -19.79 -18.19
C LYS B 159 -14.72 -19.97 -16.80
N THR B 160 -15.23 -21.00 -16.13
CA THR B 160 -14.89 -21.29 -14.76
C THR B 160 -14.50 -22.75 -14.55
N ILE B 161 -13.86 -23.01 -13.40
CA ILE B 161 -13.51 -24.32 -12.87
C ILE B 161 -14.25 -24.40 -11.54
N GLU B 162 -15.16 -25.39 -11.41
CA GLU B 162 -15.93 -25.59 -10.18
C GLU B 162 -15.15 -26.43 -9.16
N ILE B 163 -14.88 -25.84 -7.99
CA ILE B 163 -14.18 -26.49 -6.89
C ILE B 163 -15.04 -26.29 -5.64
N ASP B 164 -15.47 -27.42 -5.00
CA ASP B 164 -16.29 -27.47 -3.79
C ASP B 164 -17.60 -26.64 -3.93
N GLY B 165 -18.22 -26.73 -5.10
CA GLY B 165 -19.45 -26.03 -5.43
C GLY B 165 -19.32 -24.57 -5.84
N ILE B 166 -18.09 -24.01 -5.83
CA ILE B 166 -17.86 -22.62 -6.21
C ILE B 166 -17.21 -22.53 -7.59
N ASN B 167 -17.72 -21.61 -8.42
CA ASN B 167 -17.22 -21.34 -9.77
C ASN B 167 -16.05 -20.35 -9.71
N TYR B 168 -14.86 -20.83 -10.04
CA TYR B 168 -13.65 -20.00 -10.03
C TYR B 168 -13.25 -19.65 -11.45
N THR B 169 -13.02 -18.36 -11.70
CA THR B 169 -12.57 -17.87 -13.01
C THR B 169 -11.41 -18.70 -13.54
N HIS B 170 -11.51 -19.14 -14.81
CA HIS B 170 -10.44 -19.95 -15.41
C HIS B 170 -9.11 -19.18 -15.42
N PRO B 171 -7.99 -19.86 -15.02
CA PRO B 171 -6.68 -19.19 -15.03
C PRO B 171 -6.33 -18.47 -16.32
N HIS B 172 -6.75 -19.02 -17.46
CA HIS B 172 -6.41 -18.41 -18.74
C HIS B 172 -7.31 -17.20 -19.08
N PHE B 173 -8.39 -16.97 -18.31
CA PHE B 173 -9.17 -15.74 -18.40
C PHE B 173 -8.43 -14.74 -17.50
N LEU B 175 -5.34 -14.62 -16.73
CA LEU B 175 -4.06 -14.29 -17.35
C LEU B 175 -4.14 -13.00 -18.17
N ILE B 176 -5.33 -12.73 -18.78
CA ILE B 176 -5.59 -11.49 -19.51
C ILE B 176 -5.33 -10.27 -18.58
N ASP B 177 -5.79 -10.34 -17.32
CA ASP B 177 -5.59 -9.24 -16.38
C ASP B 177 -4.11 -9.03 -16.00
N TYR B 178 -3.32 -10.11 -15.83
CA TYR B 178 -1.88 -9.99 -15.56
C TYR B 178 -1.15 -9.41 -16.79
N LEU B 179 -1.57 -9.82 -18.02
CA LEU B 179 -1.01 -9.26 -19.26
C LEU B 179 -1.37 -7.77 -19.40
N ARG B 180 -2.58 -7.36 -18.96
CA ARG B 180 -2.99 -5.95 -18.96
C ARG B 180 -2.01 -5.09 -18.18
N ILE B 182 1.28 -5.92 -17.41
CA ILE B 182 2.52 -5.97 -18.16
C ILE B 182 2.49 -5.02 -19.36
N ASN B 183 1.31 -4.87 -19.99
CA ASN B 183 1.13 -4.02 -21.17
C ASN B 183 0.86 -2.53 -20.86
N GLN B 184 1.06 -2.11 -19.60
CA GLN B 184 0.90 -0.70 -19.20
C GLN B 184 2.19 -0.34 -18.48
N PRO B 185 3.35 -0.24 -19.19
CA PRO B 185 4.62 -0.01 -18.50
C PRO B 185 4.76 1.27 -17.68
N LEU B 186 4.25 2.40 -18.17
CA LEU B 186 4.45 3.67 -17.47
C LEU B 186 3.57 3.87 -16.23
N THR B 187 2.45 3.12 -16.12
CA THR B 187 1.52 3.23 -15.01
C THR B 187 1.55 2.05 -14.03
N ALA B 188 1.89 0.83 -14.51
CA ALA B 188 1.82 -0.35 -13.67
C ALA B 188 3.15 -0.98 -13.27
N ALA B 189 4.28 -0.63 -13.91
CA ALA B 189 5.57 -1.26 -13.62
C ALA B 189 5.97 -1.26 -12.15
N GLU B 190 6.04 -0.06 -11.55
CA GLU B 190 6.45 0.17 -10.17
C GLU B 190 5.70 -0.65 -9.13
N GLN B 191 4.36 -0.61 -9.18
CA GLN B 191 3.55 -1.31 -8.19
C GLN B 191 3.07 -2.71 -8.55
N ARG B 192 3.02 -3.07 -9.86
CA ARG B 192 2.40 -4.34 -10.25
C ARG B 192 3.27 -5.40 -10.93
N TRP B 193 4.34 -5.02 -11.66
CA TRP B 193 5.13 -5.96 -12.48
C TRP B 193 5.78 -7.16 -11.74
N GLU B 194 6.40 -6.95 -10.56
CA GLU B 194 7.02 -8.04 -9.80
C GLU B 194 5.99 -9.07 -9.34
N LYS B 195 4.85 -8.60 -8.81
CA LYS B 195 3.74 -9.43 -8.35
C LYS B 195 3.05 -10.12 -9.54
N ALA B 196 2.83 -9.38 -10.67
CA ALA B 196 2.21 -9.91 -11.89
C ALA B 196 3.04 -11.06 -12.46
N PHE B 197 4.39 -10.91 -12.50
CA PHE B 197 5.28 -11.97 -12.98
C PHE B 197 5.20 -13.19 -12.10
N ASP B 198 5.23 -13.01 -10.78
CA ASP B 198 5.15 -14.10 -9.80
C ASP B 198 3.88 -14.90 -9.99
N ARG B 199 2.73 -14.20 -10.13
CA ARG B 199 1.43 -14.84 -10.32
C ARG B 199 1.32 -15.56 -11.67
N TYR B 201 3.85 -16.71 -13.61
CA TYR B 201 4.77 -17.83 -13.56
C TYR B 201 4.12 -19.07 -12.95
N VAL B 202 3.54 -18.94 -11.75
CA VAL B 202 2.93 -20.08 -11.07
C VAL B 202 1.65 -20.54 -11.81
N LEU B 203 0.88 -19.58 -12.40
CA LEU B 203 -0.32 -19.86 -13.21
C LEU B 203 0.05 -20.77 -14.41
N LEU B 204 1.01 -20.35 -15.25
CA LEU B 204 1.44 -21.10 -16.45
C LEU B 204 2.13 -22.43 -16.13
N LYS B 205 2.78 -22.52 -14.95
CA LYS B 205 3.45 -23.74 -14.52
C LYS B 205 2.42 -24.84 -14.30
N ASN B 206 1.26 -24.48 -13.72
CA ASN B 206 0.17 -25.39 -13.40
C ASN B 206 -0.88 -25.53 -14.50
N TYR B 207 -1.04 -24.46 -15.30
CA TYR B 207 -1.99 -24.38 -16.40
C TYR B 207 -1.19 -23.91 -17.62
N PRO B 208 -0.38 -24.79 -18.25
CA PRO B 208 0.48 -24.33 -19.36
C PRO B 208 -0.25 -23.95 -20.64
N GLU B 210 -1.46 -24.19 -24.31
CA GLU B 210 -1.83 -25.36 -25.10
C GLU B 210 -1.06 -25.43 -26.41
N LYS B 211 -0.94 -26.64 -26.94
CA LYS B 211 -0.31 -26.84 -28.24
C LYS B 211 -1.37 -27.33 -29.20
N TYR B 212 -1.55 -26.59 -30.32
CA TYR B 212 -2.50 -26.96 -31.37
C TYR B 212 -1.77 -27.31 -32.65
N ASP B 213 -2.16 -28.45 -33.23
CA ASP B 213 -1.55 -29.00 -34.44
C ASP B 213 -2.18 -28.43 -35.70
N ASN B 214 -3.48 -28.08 -35.63
CA ASN B 214 -4.27 -27.57 -36.75
C ASN B 214 -3.72 -26.31 -37.43
N SER B 215 -4.24 -26.06 -38.64
CA SER B 215 -3.92 -24.90 -39.46
C SER B 215 -5.12 -23.97 -39.49
N ARG B 217 -8.08 -21.56 -40.71
CA ARG B 217 -9.05 -21.58 -41.81
C ARG B 217 -9.70 -20.20 -41.96
N ILE B 218 -8.92 -19.22 -42.44
CA ILE B 218 -9.43 -17.87 -42.69
C ILE B 218 -9.78 -17.72 -44.16
N THR B 219 -11.06 -17.39 -44.44
CA THR B 219 -11.57 -17.19 -45.79
C THR B 219 -10.89 -15.96 -46.40
N SER B 220 -10.27 -16.13 -47.59
CA SER B 220 -9.61 -15.05 -48.32
C SER B 220 -10.65 -14.02 -48.75
N PRO B 221 -10.47 -12.72 -48.45
CA PRO B 221 -11.49 -11.73 -48.83
C PRO B 221 -11.61 -11.54 -50.34
N ARG B 222 -12.73 -10.92 -50.79
CA ARG B 222 -12.99 -10.59 -52.19
C ARG B 222 -11.80 -9.77 -52.72
N ASP B 223 -11.36 -10.02 -53.97
CA ASP B 223 -10.20 -9.39 -54.61
C ASP B 223 -10.06 -7.88 -54.41
N ASP B 224 -11.18 -7.13 -54.51
CA ASP B 224 -11.18 -5.68 -54.31
C ASP B 224 -10.85 -5.36 -52.84
N ILE B 225 -11.50 -6.09 -51.90
CA ILE B 225 -11.29 -5.98 -50.45
C ILE B 225 -9.82 -6.19 -50.11
N GLN B 226 -9.21 -7.23 -50.70
CA GLN B 226 -7.80 -7.59 -50.55
C GLN B 226 -6.88 -6.45 -50.97
N TYR B 228 -7.82 -3.19 -51.18
CA TYR B 228 -8.13 -2.08 -50.24
C TYR B 228 -7.35 -2.27 -48.93
N ILE B 229 -7.34 -3.54 -48.41
CA ILE B 229 -6.57 -3.94 -47.22
C ILE B 229 -5.09 -3.60 -47.45
N GLY B 230 -4.57 -3.98 -48.62
CA GLY B 230 -3.19 -3.72 -49.01
C GLY B 230 -2.81 -2.25 -49.03
N LYS B 231 -3.73 -1.37 -49.49
CA LYS B 231 -3.53 0.08 -49.53
C LYS B 231 -3.53 0.70 -48.13
N VAL B 232 -4.26 0.09 -47.17
CA VAL B 232 -4.24 0.54 -45.76
C VAL B 232 -2.80 0.35 -45.22
N LYS B 233 -2.20 -0.83 -45.47
CA LYS B 233 -0.84 -1.09 -45.02
C LYS B 233 0.25 -0.36 -45.83
N SER B 234 0.20 -0.46 -47.18
CA SER B 234 1.22 0.12 -48.07
C SER B 234 1.21 1.65 -48.17
N GLU B 235 0.06 2.31 -47.96
CA GLU B 235 -0.04 3.76 -48.13
C GLU B 235 -0.49 4.49 -46.88
N PHE B 236 -1.62 4.06 -46.26
CA PHE B 236 -2.16 4.72 -45.07
C PHE B 236 -1.21 4.68 -43.88
N LYS B 238 1.92 4.78 -44.07
CA LYS B 238 3.08 5.60 -44.46
C LYS B 238 2.92 7.06 -43.99
N ILE B 239 1.67 7.53 -43.77
CA ILE B 239 1.38 8.89 -43.31
C ILE B 239 2.07 9.13 -41.94
N PRO B 240 3.01 10.11 -41.85
CA PRO B 240 3.74 10.37 -40.59
C PRO B 240 2.90 10.54 -39.31
N GLU B 241 1.74 11.21 -39.42
CA GLU B 241 0.82 11.46 -38.30
C GLU B 241 0.19 10.15 -37.85
N ILE B 242 0.02 9.19 -38.79
CA ILE B 242 -0.55 7.86 -38.54
C ILE B 242 0.49 6.98 -37.83
N GLN B 243 1.75 6.97 -38.32
CA GLN B 243 2.85 6.20 -37.74
C GLN B 243 3.12 6.59 -36.30
N GLU B 244 2.84 7.85 -35.92
CA GLU B 244 3.09 8.36 -34.57
C GLU B 244 1.90 8.21 -33.60
N SER B 245 0.75 7.77 -34.11
CA SER B 245 -0.47 7.61 -33.30
C SER B 245 -1.15 6.24 -33.41
N CYS B 246 -0.67 5.38 -34.33
CA CYS B 246 -1.21 4.05 -34.60
C CYS B 246 -0.20 2.95 -34.46
N LEU B 247 -0.73 1.78 -34.08
CA LEU B 247 -0.01 0.51 -33.94
C LEU B 247 -0.81 -0.52 -34.71
N ILE B 248 -0.10 -1.31 -35.53
CA ILE B 248 -0.69 -2.41 -36.26
C ILE B 248 -0.90 -3.53 -35.24
N SER B 249 -2.10 -4.11 -35.24
CA SER B 249 -2.49 -5.15 -34.32
C SER B 249 -3.13 -6.33 -35.13
N GLY B 250 -3.92 -7.20 -34.48
CA GLY B 250 -4.59 -8.33 -35.13
C GLY B 250 -3.69 -9.28 -35.89
N PHE B 251 -4.19 -9.85 -37.00
CA PHE B 251 -3.45 -10.84 -37.80
C PHE B 251 -2.22 -10.31 -38.55
N ASP B 252 -2.21 -9.01 -38.90
CA ASP B 252 -1.04 -8.46 -39.57
C ASP B 252 0.13 -8.39 -38.59
N ALA B 253 -0.12 -8.02 -37.30
CA ALA B 253 0.95 -7.99 -36.28
C ALA B 253 1.39 -9.43 -35.98
N TYR B 254 0.44 -10.40 -35.98
CA TYR B 254 0.70 -11.81 -35.78
C TYR B 254 1.66 -12.34 -36.88
N ASN B 255 1.40 -12.01 -38.18
CA ASN B 255 2.24 -12.42 -39.31
C ASN B 255 3.63 -11.84 -39.19
N PHE B 256 3.75 -10.61 -38.64
CA PHE B 256 5.05 -9.96 -38.39
C PHE B 256 5.92 -10.79 -37.44
N PHE B 257 5.34 -11.26 -36.32
CA PHE B 257 6.04 -12.11 -35.35
C PHE B 257 6.42 -13.47 -35.94
N ILE B 258 5.53 -14.06 -36.77
CA ILE B 258 5.81 -15.34 -37.45
C ILE B 258 7.00 -15.16 -38.41
N ARG B 259 6.96 -14.09 -39.26
CA ARG B 259 8.02 -13.76 -40.22
C ARG B 259 9.37 -13.63 -39.55
N HIS B 260 9.43 -12.97 -38.37
CA HIS B 260 10.65 -12.81 -37.60
C HIS B 260 11.16 -14.13 -37.09
N ALA B 261 10.26 -15.06 -36.75
CA ALA B 261 10.62 -16.39 -36.27
C ALA B 261 11.14 -17.31 -37.39
N GLY B 263 12.58 -16.08 -40.63
CA GLY B 263 13.78 -15.37 -41.07
C GLY B 263 14.39 -15.84 -42.39
N ASP B 264 13.88 -16.99 -42.93
CA ASP B 264 14.32 -17.67 -44.16
C ASP B 264 15.80 -18.11 -44.06
N ARG B 265 15.98 -19.31 -43.48
CA ARG B 265 17.29 -19.94 -43.23
C ARG B 265 17.34 -21.37 -43.78
N LYS B 281 6.29 -21.83 -42.02
CA LYS B 281 5.76 -20.99 -43.10
C LYS B 281 4.24 -21.10 -43.19
N ASN B 282 3.70 -22.26 -42.74
CA ASN B 282 2.26 -22.60 -42.71
C ASN B 282 1.53 -21.85 -41.58
N PHE B 283 2.30 -21.15 -40.73
CA PHE B 283 1.81 -20.35 -39.61
C PHE B 283 1.29 -19.00 -40.11
N ILE B 284 1.81 -18.51 -41.27
CA ILE B 284 1.41 -17.25 -41.92
C ILE B 284 -0.05 -17.37 -42.40
N THR B 285 -0.88 -16.37 -42.10
CA THR B 285 -2.28 -16.37 -42.49
C THR B 285 -2.65 -15.32 -43.52
N VAL B 286 -3.75 -15.59 -44.25
CA VAL B 286 -4.29 -14.57 -45.13
C VAL B 286 -4.99 -13.57 -44.20
N LEU B 287 -4.85 -12.27 -44.50
CA LEU B 287 -5.38 -11.16 -43.75
C LEU B 287 -6.87 -10.97 -44.02
N PRO B 288 -7.78 -11.26 -43.05
CA PRO B 288 -9.23 -11.04 -43.30
C PRO B 288 -9.59 -9.56 -43.35
N PHE B 289 -8.78 -8.71 -42.67
CA PHE B 289 -8.94 -7.26 -42.56
C PHE B 289 -7.76 -6.72 -41.77
N GLU B 291 -6.22 -4.33 -38.72
CA GLU B 291 -6.66 -4.03 -37.36
C GLU B 291 -5.64 -3.09 -36.72
N LEU B 292 -6.12 -1.94 -36.29
CA LEU B 292 -5.23 -0.92 -35.69
C LEU B 292 -5.67 -0.53 -34.31
N ILE B 293 -4.71 -0.10 -33.51
CA ILE B 293 -4.93 0.47 -32.19
C ILE B 293 -4.42 1.92 -32.27
N SER B 294 -5.30 2.88 -31.96
CA SER B 294 -4.97 4.30 -32.03
C SER B 294 -5.06 5.02 -30.68
N VAL B 295 -4.07 5.88 -30.40
CA VAL B 295 -4.00 6.74 -29.22
C VAL B 295 -4.59 8.14 -29.54
N LYS B 296 -5.03 8.35 -30.81
CA LYS B 296 -5.72 9.55 -31.32
C LYS B 296 -6.89 9.03 -32.13
N TYR B 297 -7.71 8.20 -31.47
CA TYR B 297 -8.84 7.44 -32.01
C TYR B 297 -9.70 8.19 -33.04
N LYS B 298 -10.35 9.30 -32.64
CA LYS B 298 -11.23 10.08 -33.51
C LYS B 298 -10.49 10.61 -34.75
N ASP B 299 -9.26 11.10 -34.55
CA ASP B 299 -8.39 11.62 -35.60
C ASP B 299 -8.06 10.51 -36.62
N THR B 300 -7.73 9.29 -36.15
CA THR B 300 -7.42 8.14 -37.01
C THR B 300 -8.62 7.68 -37.83
N VAL B 301 -9.80 7.52 -37.20
CA VAL B 301 -11.03 7.04 -37.86
C VAL B 301 -11.46 7.99 -38.98
N GLU B 302 -11.36 9.31 -38.73
CA GLU B 302 -11.69 10.36 -39.70
C GLU B 302 -10.77 10.27 -40.92
N LYS B 303 -9.44 10.28 -40.71
CA LYS B 303 -8.38 10.19 -41.72
C LYS B 303 -8.44 8.88 -42.53
N LEU B 304 -8.82 7.76 -41.88
CA LEU B 304 -8.91 6.43 -42.50
C LEU B 304 -10.15 6.30 -43.36
N TYR B 305 -11.28 6.84 -42.89
CA TYR B 305 -12.55 6.86 -43.64
C TYR B 305 -12.35 7.71 -44.89
N ASN B 306 -11.67 8.87 -44.76
CA ASN B 306 -11.39 9.79 -45.87
C ASN B 306 -10.45 9.16 -46.89
N PHE B 307 -9.41 8.43 -46.41
CA PHE B 307 -8.43 7.73 -47.24
C PHE B 307 -9.17 6.70 -48.08
N LEU B 308 -9.98 5.85 -47.44
CA LEU B 308 -10.70 4.80 -48.16
C LEU B 308 -11.71 5.36 -49.13
N ARG B 309 -12.30 6.52 -48.80
CA ARG B 309 -13.25 7.20 -49.66
C ARG B 309 -12.63 7.61 -51.02
N GLU B 310 -11.32 7.94 -51.05
CA GLU B 310 -10.62 8.38 -52.25
C GLU B 310 -9.75 7.27 -52.96
N LYS B 311 -9.79 6.01 -52.46
CA LYS B 311 -9.02 4.90 -53.07
C LYS B 311 -9.95 3.85 -53.66
N VAL B 312 -11.15 3.78 -53.10
CA VAL B 312 -12.21 2.84 -53.44
C VAL B 312 -12.88 3.18 -54.80
N VAL B 313 -13.46 2.16 -55.45
CA VAL B 313 -14.18 2.29 -56.72
C VAL B 313 -15.46 3.12 -56.53
N ASN B 314 -16.42 2.64 -55.68
CA ASN B 314 -17.68 3.34 -55.40
C ASN B 314 -17.69 3.88 -53.95
N PRO B 315 -17.35 5.19 -53.74
CA PRO B 315 -17.29 5.75 -52.36
C PRO B 315 -18.59 5.69 -51.56
N ASP B 316 -19.72 5.49 -52.23
CA ASP B 316 -21.06 5.39 -51.63
C ASP B 316 -21.30 4.03 -50.97
N LEU B 317 -20.43 3.04 -51.26
CA LEU B 317 -20.51 1.69 -50.69
C LEU B 317 -19.74 1.54 -49.34
N ILE B 318 -19.13 2.65 -48.86
CA ILE B 318 -18.40 2.71 -47.59
C ILE B 318 -19.33 3.02 -46.41
N THR B 319 -19.30 2.15 -45.39
CA THR B 319 -20.08 2.29 -44.15
C THR B 319 -19.16 2.13 -42.94
N ILE B 320 -19.60 2.63 -41.77
CA ILE B 320 -18.90 2.50 -40.49
C ILE B 320 -19.86 1.87 -39.50
N ASP B 321 -19.41 0.82 -38.83
CA ASP B 321 -20.12 0.16 -37.74
C ASP B 321 -19.32 0.51 -36.50
N GLU B 322 -19.97 0.98 -35.44
CA GLU B 322 -19.31 1.37 -34.19
C GLU B 322 -19.68 0.37 -33.13
N TYR B 323 -18.73 0.07 -32.24
CA TYR B 323 -18.94 -0.91 -31.17
C TYR B 323 -18.57 -0.32 -29.83
N PHE B 324 -19.40 -0.62 -28.82
CA PHE B 324 -19.15 -0.24 -27.43
C PHE B 324 -17.89 -0.96 -26.90
N PRO B 325 -17.25 -0.44 -25.82
CA PRO B 325 -16.11 -1.18 -25.22
C PRO B 325 -16.52 -2.58 -24.77
N LEU B 326 -15.58 -3.51 -24.74
CA LEU B 326 -15.88 -4.87 -24.27
C LEU B 326 -15.25 -5.06 -22.90
N PHE B 327 -16.10 -5.21 -21.85
CA PHE B 327 -15.73 -5.41 -20.45
C PHE B 327 -14.62 -4.39 -20.06
N GLN B 328 -13.49 -4.86 -19.51
CA GLN B 328 -12.34 -4.05 -19.10
C GLN B 328 -11.24 -4.27 -20.12
N PHE B 329 -11.57 -4.94 -21.25
CA PHE B 329 -10.57 -5.40 -22.23
C PHE B 329 -10.29 -4.47 -23.39
N THR B 330 -11.32 -3.82 -23.94
CA THR B 330 -11.15 -2.95 -25.11
C THR B 330 -11.89 -1.65 -24.90
N GLY B 331 -11.50 -0.62 -25.65
CA GLY B 331 -12.18 0.66 -25.69
C GLY B 331 -13.21 0.62 -26.81
N TYR B 332 -13.69 1.80 -27.22
CA TYR B 332 -14.62 1.90 -28.36
C TYR B 332 -13.90 1.42 -29.63
N SER B 333 -14.66 0.85 -30.58
CA SER B 333 -14.06 0.42 -31.84
C SER B 333 -14.97 0.72 -33.04
N VAL B 334 -14.39 0.68 -34.26
CA VAL B 334 -15.11 0.86 -35.53
C VAL B 334 -14.69 -0.25 -36.48
N SER B 335 -15.55 -0.54 -37.46
CA SER B 335 -15.29 -1.43 -38.56
C SER B 335 -15.64 -0.61 -39.82
N ILE B 336 -14.61 -0.18 -40.58
CA ILE B 336 -14.83 0.55 -41.84
C ILE B 336 -14.99 -0.51 -42.95
N ASN B 337 -16.22 -0.65 -43.45
CA ASN B 337 -16.64 -1.64 -44.44
C ASN B 337 -16.88 -1.09 -45.84
N TYR B 338 -16.68 -1.93 -46.87
CA TYR B 338 -16.96 -1.57 -48.27
C TYR B 338 -17.86 -2.64 -48.82
N ASP B 339 -19.11 -2.25 -49.19
CA ASP B 339 -20.14 -3.14 -49.74
C ASP B 339 -20.52 -4.23 -48.70
N GLY B 340 -20.48 -3.85 -47.41
CA GLY B 340 -20.79 -4.70 -46.27
C GLY B 340 -19.67 -5.63 -45.83
N ILE B 341 -18.46 -5.44 -46.40
CA ILE B 341 -17.28 -6.27 -46.12
C ILE B 341 -16.24 -5.43 -45.37
N PRO B 342 -15.81 -5.86 -44.15
CA PRO B 342 -14.80 -5.09 -43.42
C PRO B 342 -13.43 -5.02 -44.11
N ILE B 343 -12.84 -3.83 -44.12
CA ILE B 343 -11.50 -3.60 -44.68
C ILE B 343 -10.54 -3.46 -43.50
N VAL B 344 -10.93 -2.64 -42.51
CA VAL B 344 -10.11 -2.27 -41.38
C VAL B 344 -10.95 -1.99 -40.13
N LYS B 345 -10.43 -2.39 -38.96
CA LYS B 345 -11.02 -2.17 -37.65
C LYS B 345 -10.08 -1.30 -36.84
N VAL B 346 -10.61 -0.28 -36.15
CA VAL B 346 -9.81 0.63 -35.30
C VAL B 346 -10.29 0.56 -33.86
N TYR B 347 -9.33 0.46 -32.92
CA TYR B 347 -9.59 0.38 -31.48
C TYR B 347 -9.07 1.60 -30.77
N GLU B 348 -9.89 2.12 -29.86
CA GLU B 348 -9.55 3.28 -29.05
C GLU B 348 -8.58 2.95 -27.92
N ALA B 349 -7.48 3.71 -27.82
CA ALA B 349 -6.50 3.56 -26.76
C ALA B 349 -6.04 4.90 -26.16
N ASP B 350 -6.79 5.99 -26.43
CA ASP B 350 -6.50 7.35 -25.91
C ASP B 350 -6.37 7.32 -24.38
N GLY B 351 -5.28 7.85 -23.86
CA GLY B 351 -5.01 7.85 -22.43
C GLY B 351 -4.04 6.77 -22.00
N TYR B 352 -3.73 5.83 -22.92
CA TYR B 352 -2.76 4.77 -22.65
C TYR B 352 -1.51 4.99 -23.46
N CYS B 353 -0.36 4.60 -22.90
CA CYS B 353 0.91 4.59 -23.61
C CYS B 353 1.07 3.10 -24.02
N VAL B 354 0.84 2.80 -25.31
CA VAL B 354 0.79 1.43 -25.85
C VAL B 354 2.18 0.89 -26.28
N PRO B 355 2.59 -0.28 -25.72
CA PRO B 355 3.90 -0.88 -26.08
C PRO B 355 4.04 -1.19 -27.58
N ASP B 356 5.09 -0.63 -28.18
CA ASP B 356 5.30 -0.67 -29.62
C ASP B 356 6.63 -1.26 -30.06
N ILE B 357 6.69 -1.61 -31.35
CA ILE B 357 7.88 -2.06 -32.05
C ILE B 357 7.95 -1.16 -33.29
N LYS B 358 8.90 -0.22 -33.31
CA LYS B 358 9.06 0.70 -34.45
C LYS B 358 9.99 0.03 -35.46
N THR B 359 9.53 -0.11 -36.71
CA THR B 359 10.29 -0.70 -37.82
C THR B 359 11.04 0.41 -38.59
N THR B 360 12.04 0.04 -39.41
CA THR B 360 12.83 0.96 -40.25
C THR B 360 11.93 1.70 -41.26
N SER B 361 10.80 1.06 -41.64
CA SER B 361 9.79 1.60 -42.56
C SER B 361 9.06 2.81 -41.94
N GLY B 362 9.11 2.92 -40.61
CA GLY B 362 8.48 4.02 -39.88
C GLY B 362 7.24 3.61 -39.11
N TYR B 363 6.47 2.64 -39.65
CA TYR B 363 5.27 2.17 -38.98
C TYR B 363 5.57 1.31 -37.74
N ARG B 364 4.58 1.24 -36.84
CA ARG B 364 4.68 0.50 -35.60
C ARG B 364 3.72 -0.66 -35.53
N TYR B 365 4.18 -1.72 -34.85
CA TYR B 365 3.40 -2.90 -34.49
C TYR B 365 3.28 -2.85 -32.97
N VAL B 366 2.27 -3.52 -32.42
CA VAL B 366 2.16 -3.70 -30.97
C VAL B 366 3.30 -4.66 -30.55
N SER B 367 3.70 -4.66 -29.27
CA SER B 367 4.73 -5.56 -28.75
C SER B 367 4.23 -7.04 -28.74
N TYR B 368 5.16 -8.00 -28.48
CA TYR B 368 4.86 -9.43 -28.40
C TYR B 368 3.83 -9.75 -27.30
N GLN B 369 4.06 -9.22 -26.07
CA GLN B 369 3.12 -9.47 -24.97
C GLN B 369 1.80 -8.78 -25.21
N TYR B 370 1.82 -7.71 -26.03
CA TYR B 370 0.59 -6.99 -26.40
C TYR B 370 -0.24 -7.81 -27.35
N ILE B 371 0.36 -8.34 -28.44
CA ILE B 371 -0.34 -9.18 -29.43
C ILE B 371 -0.85 -10.48 -28.77
N LEU B 372 -0.08 -11.03 -27.82
CA LEU B 372 -0.49 -12.22 -27.07
C LEU B 372 -1.81 -11.93 -26.31
N ILE B 374 -4.01 -9.46 -27.06
CA ILE B 374 -5.01 -9.19 -28.11
C ILE B 374 -5.64 -10.50 -28.62
N TYR B 376 -5.82 -13.36 -27.03
CA TYR B 376 -6.64 -13.85 -25.90
C TYR B 376 -8.02 -13.15 -25.84
N ILE B 377 -8.05 -11.81 -25.95
CA ILE B 377 -9.28 -11.01 -25.94
C ILE B 377 -10.16 -11.39 -27.18
N SER B 378 -9.53 -11.47 -28.36
CA SER B 378 -10.21 -11.80 -29.62
C SER B 378 -10.83 -13.23 -29.59
N LYS B 379 -10.13 -14.19 -28.96
CA LYS B 379 -10.62 -15.55 -28.78
C LYS B 379 -11.83 -15.53 -27.84
N PHE B 380 -11.76 -14.73 -26.74
CA PHE B 380 -12.88 -14.59 -25.80
C PHE B 380 -14.10 -13.96 -26.48
N LYS B 381 -13.90 -12.91 -27.29
CA LYS B 381 -14.97 -12.27 -28.07
C LYS B 381 -15.62 -13.27 -29.06
N ALA B 382 -14.83 -14.09 -29.76
CA ALA B 382 -15.35 -15.11 -30.69
C ALA B 382 -16.20 -16.15 -29.92
N HIS B 383 -15.79 -16.49 -28.69
CA HIS B 383 -16.52 -17.38 -27.80
C HIS B 383 -17.88 -16.75 -27.40
N LEU B 384 -17.92 -15.43 -27.14
CA LEU B 384 -19.19 -14.72 -26.83
C LEU B 384 -20.10 -14.68 -28.05
N ASP B 385 -19.50 -14.47 -29.24
CA ASP B 385 -20.22 -14.37 -30.49
C ASP B 385 -20.64 -15.72 -31.04
N LYS B 386 -20.21 -16.83 -30.41
CA LYS B 386 -20.48 -18.22 -30.86
C LYS B 386 -19.96 -18.44 -32.30
N ASN B 387 -18.92 -17.67 -32.68
CA ASN B 387 -18.25 -17.72 -33.96
C ASN B 387 -17.16 -18.79 -33.82
N LYS B 388 -17.54 -20.05 -34.11
CA LYS B 388 -16.71 -21.26 -34.04
C LYS B 388 -15.44 -21.17 -34.87
N GLU B 389 -15.53 -20.65 -36.11
CA GLU B 389 -14.41 -20.50 -37.04
C GLU B 389 -13.33 -19.61 -36.45
N TYR B 391 -13.04 -18.61 -33.23
CA TYR B 391 -12.66 -19.11 -31.93
C TYR B 391 -11.48 -20.08 -32.08
N PHE B 392 -11.54 -20.98 -33.07
CA PHE B 392 -10.47 -21.93 -33.34
C PHE B 392 -9.29 -21.25 -34.02
N ASN B 393 -9.53 -20.25 -34.92
CA ASN B 393 -8.44 -19.48 -35.55
C ASN B 393 -7.60 -18.69 -34.55
N TYR B 394 -8.23 -18.01 -33.55
CA TYR B 394 -7.50 -17.26 -32.52
C TYR B 394 -6.72 -18.20 -31.59
N GLY B 395 -7.31 -19.35 -31.27
CA GLY B 395 -6.70 -20.40 -30.46
C GLY B 395 -5.43 -20.93 -31.10
N ILE B 396 -5.46 -21.18 -32.43
CA ILE B 396 -4.31 -21.63 -33.23
C ILE B 396 -3.25 -20.51 -33.28
N ALA B 397 -3.68 -19.25 -33.52
CA ALA B 397 -2.76 -18.11 -33.53
C ALA B 397 -1.98 -17.98 -32.19
N ILE B 398 -2.65 -18.21 -31.03
CA ILE B 398 -2.00 -18.17 -29.70
C ILE B 398 -0.91 -19.27 -29.66
N SER B 399 -1.30 -20.52 -29.99
CA SER B 399 -0.41 -21.70 -30.04
C SER B 399 0.81 -21.41 -30.93
N ASN B 400 0.57 -20.88 -32.15
CA ASN B 400 1.63 -20.52 -33.11
C ASN B 400 2.55 -19.42 -32.61
N LEU B 401 2.01 -18.44 -31.86
CA LEU B 401 2.79 -17.32 -31.34
C LEU B 401 3.72 -17.73 -30.23
N VAL B 402 3.27 -18.68 -29.37
CA VAL B 402 4.07 -19.24 -28.28
C VAL B 402 5.19 -20.08 -28.91
N GLN B 403 4.84 -20.92 -29.92
CA GLN B 403 5.79 -21.77 -30.66
C GLN B 403 6.87 -20.97 -31.37
N ALA B 404 6.46 -19.93 -32.13
CA ALA B 404 7.36 -19.04 -32.87
C ALA B 404 8.37 -18.36 -31.91
N ARG B 405 7.89 -17.89 -30.75
CA ARG B 405 8.72 -17.28 -29.70
C ARG B 405 9.72 -18.27 -29.14
N ASN B 406 9.25 -19.50 -28.78
CA ASN B 406 10.08 -20.57 -28.21
C ASN B 406 11.22 -20.94 -29.16
N SER B 407 10.88 -21.19 -30.44
CA SER B 407 11.82 -21.50 -31.52
C SER B 407 12.85 -20.38 -31.69
N TYR B 408 12.39 -19.12 -31.72
CA TYR B 408 13.24 -17.94 -31.87
C TYR B 408 14.27 -17.78 -30.76
N LEU B 409 13.83 -17.80 -29.47
CA LEU B 409 14.75 -17.64 -28.33
C LEU B 409 15.78 -18.77 -28.30
N ASN B 410 15.34 -20.01 -28.60
CA ASN B 410 16.17 -21.21 -28.64
C ASN B 410 17.26 -21.06 -29.73
N GLN B 411 16.83 -20.65 -30.94
CA GLN B 411 17.62 -20.42 -32.16
C GLN B 411 18.69 -19.33 -31.96
N LYS B 412 18.32 -18.22 -31.31
CA LYS B 412 19.21 -17.08 -31.07
C LYS B 412 20.00 -17.17 -29.76
N ASN B 413 19.70 -18.19 -28.93
CA ASN B 413 20.28 -18.47 -27.61
C ASN B 413 20.24 -17.24 -26.69
N ILE B 414 19.00 -16.72 -26.46
CA ILE B 414 18.72 -15.55 -25.63
C ILE B 414 17.68 -15.85 -24.55
N GLY B 415 17.62 -14.97 -23.55
CA GLY B 415 16.69 -15.06 -22.45
C GLY B 415 15.33 -14.51 -22.82
N VAL B 416 14.37 -14.57 -21.88
CA VAL B 416 13.01 -14.05 -22.10
C VAL B 416 13.02 -12.53 -22.24
N ILE B 417 13.96 -11.85 -21.54
CA ILE B 417 14.20 -10.42 -21.63
C ILE B 417 15.46 -10.30 -22.49
N ASN B 418 15.32 -9.66 -23.66
CA ASN B 418 16.38 -9.52 -24.65
C ASN B 418 16.23 -8.22 -25.46
N ASP B 419 17.07 -8.02 -26.50
CA ASP B 419 17.05 -6.83 -27.35
C ASP B 419 16.29 -7.03 -28.70
N THR B 420 15.47 -8.10 -28.79
CA THR B 420 14.73 -8.40 -30.02
C THR B 420 13.22 -8.06 -29.92
N VAL B 421 12.48 -8.35 -31.00
CA VAL B 421 11.03 -8.17 -31.08
C VAL B 421 10.29 -9.17 -30.15
N PHE B 422 10.98 -10.25 -29.72
CA PHE B 422 10.37 -11.25 -28.85
C PHE B 422 10.60 -11.02 -27.35
N SER B 423 11.19 -9.89 -26.98
CA SER B 423 11.45 -9.60 -25.57
C SER B 423 10.17 -9.38 -24.76
N GLU B 424 10.22 -9.72 -23.48
CA GLU B 424 9.14 -9.48 -22.53
C GLU B 424 9.51 -8.24 -21.69
N PHE B 425 8.56 -7.69 -20.90
CA PHE B 425 8.75 -6.53 -20.02
C PHE B 425 9.36 -5.30 -20.71
N ARG B 426 8.86 -5.00 -21.92
CA ARG B 426 9.27 -3.85 -22.70
C ARG B 426 8.67 -2.57 -22.12
N ILE B 427 9.46 -1.49 -22.11
CA ILE B 427 8.97 -0.24 -21.53
C ILE B 427 8.66 0.81 -22.60
N GLY B 428 9.18 0.64 -23.81
CA GLY B 428 8.94 1.55 -24.94
C GLY B 428 7.48 1.57 -25.35
N CYS B 429 6.87 2.75 -25.42
CA CYS B 429 5.45 2.87 -25.76
C CYS B 429 5.10 4.20 -26.43
N ILE B 430 3.94 4.27 -27.13
CA ILE B 430 3.48 5.52 -27.73
C ILE B 430 2.13 5.95 -27.12
N GLY B 431 1.94 7.27 -26.99
CA GLY B 431 0.71 7.86 -26.46
C GLY B 431 0.86 8.50 -25.10
N THR B 432 0.06 9.58 -24.87
CA THR B 432 0.03 10.31 -23.60
C THR B 432 -0.73 9.51 -22.54
N THR B 433 -0.17 9.43 -21.34
CA THR B 433 -0.80 8.75 -20.22
C THR B 433 -0.60 9.54 -18.91
N VAL B 434 -1.35 9.15 -17.85
CA VAL B 434 -1.22 9.71 -16.51
C VAL B 434 -1.31 8.58 -15.48
N SER B 435 -0.66 8.75 -14.31
CA SER B 435 -0.64 7.79 -13.22
C SER B 435 -2.05 7.39 -12.76
N TYR B 436 -2.21 6.20 -12.15
CA TYR B 436 -3.51 5.76 -11.64
C TYR B 436 -4.04 6.70 -10.56
N THR B 437 -3.12 7.24 -9.71
CA THR B 437 -3.39 8.15 -8.61
C THR B 437 -3.94 9.51 -9.13
N ARG B 438 -3.31 10.08 -10.17
CA ARG B 438 -3.75 11.34 -10.79
C ARG B 438 -5.14 11.20 -11.42
N SER B 440 -7.43 8.92 -10.78
CA SER B 440 -8.37 8.66 -9.68
C SER B 440 -8.78 9.97 -8.98
N ARG B 441 -7.84 10.90 -8.82
CA ARG B 441 -8.12 12.20 -8.16
C ARG B 441 -8.93 13.12 -9.08
N LEU B 442 -8.62 13.11 -10.40
CA LEU B 442 -9.35 13.87 -11.42
C LEU B 442 -10.77 13.34 -11.55
N ARG B 443 -10.97 12.01 -11.48
CA ARG B 443 -12.30 11.38 -11.53
C ARG B 443 -13.15 11.84 -10.34
N LEU B 445 -12.86 14.70 -8.65
CA LEU B 445 -13.16 16.10 -8.93
C LEU B 445 -14.33 16.24 -9.89
N GLU B 446 -14.40 15.37 -10.92
CA GLU B 446 -15.49 15.34 -11.91
C GLU B 446 -16.82 14.97 -11.23
N LYS B 447 -16.79 13.95 -10.33
CA LYS B 447 -17.95 13.49 -9.56
C LYS B 447 -18.45 14.62 -8.64
N LYS B 448 -17.52 15.33 -7.98
CA LYS B 448 -17.79 16.44 -7.07
C LYS B 448 -18.45 17.63 -7.79
N LYS B 449 -17.94 18.00 -8.99
CA LYS B 449 -18.48 19.09 -9.83
C LYS B 449 -19.88 18.78 -10.33
N GLN B 450 -20.13 17.53 -10.77
CA GLN B 450 -21.42 17.06 -11.30
C GLN B 450 -22.52 16.83 -10.23
N GLY B 451 -22.20 17.12 -8.96
CA GLY B 451 -23.13 16.95 -7.83
C GLY B 451 -23.50 15.52 -7.58
N LYS B 452 -22.69 14.58 -8.11
CA LYS B 452 -22.90 13.13 -8.02
C LYS B 452 -22.33 12.56 -6.73
N VAL B 453 -22.93 11.45 -6.27
CA VAL B 453 -22.59 10.71 -5.05
C VAL B 453 -21.13 10.26 -5.16
N ILE B 454 -20.29 10.74 -4.24
CA ILE B 454 -18.86 10.43 -4.19
C ILE B 454 -18.67 8.94 -3.86
N GLN B 455 -19.37 8.44 -2.81
CA GLN B 455 -19.39 7.04 -2.37
C GLN B 455 -20.79 6.60 -1.85
N PHE B 456 -21.42 5.65 -2.57
CA PHE B 456 -22.70 5.00 -2.22
C PHE B 456 -22.43 4.06 -1.03
N VAL B 457 -23.38 4.00 -0.07
CA VAL B 457 -23.29 3.16 1.11
C VAL B 457 -24.67 2.54 1.40
N TYR B 458 -24.71 1.21 1.70
CA TYR B 458 -25.90 0.49 2.12
C TYR B 458 -25.63 -0.04 3.54
N THR B 459 -26.52 0.33 4.49
CA THR B 459 -26.43 -0.10 5.90
C THR B 459 -27.76 -0.81 6.25
N PRO B 460 -27.80 -2.17 6.32
CA PRO B 460 -29.08 -2.84 6.62
C PRO B 460 -29.77 -2.42 7.93
N LYS B 461 -29.00 -1.99 8.96
CA LYS B 461 -29.50 -1.50 10.25
C LYS B 461 -30.38 -0.29 10.04
N GLN B 462 -29.88 0.68 9.23
CA GLN B 462 -30.55 1.93 8.86
C GLN B 462 -31.81 1.63 8.02
N TYR B 463 -31.70 0.66 7.09
CA TYR B 463 -32.77 0.25 6.16
C TYR B 463 -33.97 -0.34 6.87
N PHE B 464 -33.75 -1.35 7.74
CA PHE B 464 -34.85 -2.03 8.43
C PHE B 464 -35.44 -1.24 9.61
N SER B 465 -34.80 -0.12 10.00
CA SER B 465 -35.29 0.77 11.07
C SER B 465 -36.29 1.75 10.47
N GLN B 466 -36.25 1.89 9.14
CA GLN B 466 -37.11 2.77 8.37
C GLN B 466 -38.50 2.17 8.13
N THR B 467 -39.47 3.05 7.80
CA THR B 467 -40.86 2.71 7.53
C THR B 467 -40.98 2.01 6.17
N PRO B 468 -42.01 1.16 5.91
CA PRO B 468 -42.12 0.49 4.59
C PRO B 468 -42.15 1.42 3.37
N GLU B 469 -42.53 2.70 3.58
CA GLU B 469 -42.53 3.72 2.52
C GLU B 469 -41.07 4.11 2.22
N GLN B 470 -40.26 4.37 3.28
CA GLN B 470 -38.85 4.72 3.21
C GLN B 470 -38.01 3.56 2.62
N GLN B 471 -38.41 2.30 2.90
CA GLN B 471 -37.76 1.08 2.39
C GLN B 471 -38.00 0.97 0.89
N ASN B 472 -39.25 1.24 0.46
CA ASN B 472 -39.64 1.20 -0.95
C ASN B 472 -39.05 2.38 -1.74
N ASN B 473 -38.80 3.52 -1.06
CA ASN B 473 -38.18 4.70 -1.66
C ASN B 473 -36.72 4.37 -2.02
N PHE B 474 -36.08 3.50 -1.20
CA PHE B 474 -34.71 3.05 -1.39
C PHE B 474 -34.65 2.02 -2.51
N ASP B 475 -35.57 1.03 -2.48
CA ASP B 475 -35.62 -0.06 -3.46
C ASP B 475 -35.83 0.45 -4.90
N GLU B 476 -36.47 1.62 -5.06
CA GLU B 476 -36.67 2.23 -6.37
C GLU B 476 -35.38 2.91 -6.84
N SER B 477 -34.71 3.63 -5.91
CA SER B 477 -33.45 4.35 -6.09
C SER B 477 -32.36 3.40 -6.61
N LYS B 479 -32.86 0.64 -8.36
CA LYS B 479 -33.24 0.21 -9.70
C LYS B 479 -32.94 1.27 -10.77
N LYS B 480 -32.92 2.57 -10.37
CA LYS B 480 -32.65 3.69 -11.27
C LYS B 480 -31.15 3.89 -11.57
N TYR B 481 -30.27 3.05 -11.00
CA TYR B 481 -28.83 3.14 -11.26
C TYR B 481 -28.39 2.34 -12.49
N ARG B 482 -27.62 2.99 -13.37
CA ARG B 482 -27.11 2.37 -14.57
C ARG B 482 -25.58 2.43 -14.67
N PHE B 483 -24.99 1.33 -15.14
CA PHE B 483 -23.55 1.19 -15.32
C PHE B 483 -23.19 1.56 -16.76
N LYS B 484 -21.89 1.81 -17.04
CA LYS B 484 -21.44 2.12 -18.41
C LYS B 484 -21.68 0.91 -19.31
N ASN B 485 -21.88 1.15 -20.61
CA ASN B 485 -22.09 0.09 -21.58
C ASN B 485 -20.76 -0.50 -22.05
N THR B 486 -20.42 -1.69 -21.53
CA THR B 486 -19.20 -2.46 -21.84
C THR B 486 -19.59 -3.86 -22.43
N SER B 487 -20.73 -3.89 -23.11
CA SER B 487 -21.28 -5.10 -23.72
C SER B 487 -20.49 -5.58 -24.97
N GLY B 488 -19.86 -4.65 -25.68
CA GLY B 488 -19.14 -4.91 -26.92
C GLY B 488 -20.08 -4.95 -28.12
N ASN B 489 -21.36 -4.62 -27.88
CA ASN B 489 -22.40 -4.64 -28.93
C ASN B 489 -22.21 -3.51 -29.91
N LYS B 490 -22.74 -3.71 -31.12
CA LYS B 490 -22.79 -2.67 -32.15
C LYS B 490 -23.71 -1.55 -31.61
N ILE B 491 -23.30 -0.29 -31.81
CA ILE B 491 -24.04 0.90 -31.38
C ILE B 491 -25.17 1.14 -32.41
N THR B 492 -26.46 1.07 -31.95
CA THR B 492 -27.65 1.25 -32.80
C THR B 492 -28.37 2.60 -32.55
N ILE B 493 -28.12 3.26 -31.40
CA ILE B 493 -28.72 4.56 -31.04
C ILE B 493 -27.84 5.69 -31.57
N PRO B 494 -28.38 6.55 -32.47
CA PRO B 494 -27.56 7.63 -33.06
C PRO B 494 -26.87 8.58 -32.09
N LYS B 495 -27.51 8.84 -30.95
CA LYS B 495 -26.99 9.72 -29.90
C LYS B 495 -25.76 9.14 -29.17
N ASN B 496 -25.55 7.80 -29.28
CA ASN B 496 -24.41 7.10 -28.68
C ASN B 496 -23.23 6.94 -29.62
N LEU B 497 -23.44 7.14 -30.94
CA LEU B 497 -22.40 7.07 -31.96
C LEU B 497 -21.38 8.19 -31.78
N LEU B 498 -20.11 7.85 -31.92
CA LEU B 498 -19.02 8.82 -31.78
C LEU B 498 -18.75 9.55 -33.11
N PHE B 499 -19.16 8.95 -34.24
CA PHE B 499 -18.94 9.50 -35.58
C PHE B 499 -20.24 9.73 -36.31
N LYS B 500 -20.33 10.87 -37.02
CA LYS B 500 -21.50 11.27 -37.80
C LYS B 500 -21.21 11.19 -39.29
N ILE B 501 -22.13 10.54 -40.03
CA ILE B 501 -22.07 10.43 -41.49
C ILE B 501 -23.28 11.18 -42.05
N ASP B 502 -23.04 12.30 -42.76
CA ASP B 502 -24.11 13.11 -43.36
C ASP B 502 -24.69 12.48 -44.64
N GLU B 503 -25.74 13.09 -45.20
CA GLU B 503 -26.40 12.64 -46.43
C GLU B 503 -25.42 12.64 -47.63
N ARG B 504 -24.34 13.45 -47.56
CA ARG B 504 -23.27 13.55 -48.57
C ARG B 504 -22.12 12.56 -48.28
N GLY B 505 -22.26 11.77 -47.21
CA GLY B 505 -21.32 10.73 -46.78
C GLY B 505 -20.04 11.21 -46.14
N ASN B 506 -20.05 12.39 -45.51
CA ASN B 506 -18.86 12.95 -44.87
C ASN B 506 -18.81 12.75 -43.35
N ILE B 507 -17.61 12.41 -42.84
CA ILE B 507 -17.33 12.14 -41.42
C ILE B 507 -17.04 13.38 -40.60
N SER B 508 -17.62 13.41 -39.39
CA SER B 508 -17.47 14.45 -38.38
C SER B 508 -17.63 13.77 -37.02
N GLU B 509 -16.94 14.26 -35.98
CA GLU B 509 -17.12 13.70 -34.65
C GLU B 509 -18.34 14.32 -34.00
N GLU B 510 -19.14 13.53 -33.28
CA GLU B 510 -20.28 14.10 -32.58
C GLU B 510 -19.70 14.83 -31.35
N ILE B 511 -19.84 16.17 -31.31
CA ILE B 511 -19.28 16.98 -30.21
C ILE B 511 -20.15 16.82 -28.94
N SER B 512 -21.48 16.71 -29.14
CA SER B 512 -22.47 16.54 -28.08
C SER B 512 -22.82 15.05 -27.90
N THR B 513 -21.78 14.22 -27.58
CA THR B 513 -21.96 12.79 -27.34
C THR B 513 -22.22 12.57 -25.86
N GLU B 514 -23.25 11.76 -25.55
CA GLU B 514 -23.63 11.40 -24.19
C GLU B 514 -23.10 10.01 -23.87
N GLU B 515 -22.63 9.81 -22.61
CA GLU B 515 -22.10 8.53 -22.11
C GLU B 515 -23.22 7.50 -22.17
N ALA B 516 -22.93 6.33 -22.76
CA ALA B 516 -23.94 5.27 -22.91
C ALA B 516 -23.96 4.35 -21.71
N TYR B 517 -25.20 4.04 -21.23
CA TYR B 517 -25.43 3.20 -20.06
C TYR B 517 -26.29 1.97 -20.32
N ILE B 518 -26.10 0.93 -19.49
CA ILE B 518 -26.81 -0.35 -19.54
C ILE B 518 -27.09 -0.87 -18.08
N THR B 519 -28.29 -1.44 -17.79
CA THR B 519 -29.39 -1.72 -18.70
C THR B 519 -30.44 -0.60 -18.66
#